data_5BYQ
#
_entry.id   5BYQ
#
_cell.length_a   89.660
_cell.length_b   72.450
_cell.length_c   102.940
_cell.angle_alpha   90.000
_cell.angle_beta   96.760
_cell.angle_gamma   90.000
#
_symmetry.space_group_name_H-M   'P 1 21 1'
#
loop_
_entity.id
_entity.type
_entity.pdbx_description
1 polymer 'Iron hydrogenase 1'
2 non-polymer 'IRON/SULFUR CLUSTER'
3 non-polymer 'FE2/S2 (INORGANIC) CLUSTER'
4 non-polymer bis(cyanido-kappaC)(dicarbonyl)-mu-(oxomethylidene)-mu-(oxydimethanethiolate-1kappaS:2kappaS)diiron(2+)
5 non-polymer 'MAGNESIUM ION'
6 non-polymer GLYCEROL
7 water water
#
_entity_poly.entity_id   1
_entity_poly.type   'polypeptide(L)'
_entity_poly.pdbx_seq_one_letter_code
;MKTIIINGVQFNTDEDTTILKFARDNNIDISALCFLNNCNNDINKCEICTVEVEGTGLVTACDTLIEDGMIINTNSDAVN
EKIKSRISQLLDIHEFKCGPCNRRENCEFLKLVIKYKARASKPFLPKDKTEYVDERSKSLTVDRTKCLLCGRCVNACGKN
TETYAMKFLNKNGKTIIGAEDEKCFDDTNCLLCGQCIIACPVAALSEKSHMDRVKNALNAPEKHVIVAMAPSVRASIGEL
FNMGFGVDVTGKIYTALRQLGFDKIFDINFGADMTIMEEATELVQRIENNGPFPMFTSCCPGWVRQAENYYPELLNNLSS
AKSPQQIFGTASKTYYPSISGLDPKNVFTVTVMPCTSKKFEADRPQMEKDGLRDIDAVITTRELAKMIKDAKIPFAKLED
SEADPAMGEYSGAGAIFGATGGVMEAALRSAKDFAENAELEDIEYKQVRGLNGIKEAEVEINNNKYNVAVINGASNLFKF
MKSGMINEKQYHFIEVMACHGGCVNGGGQPHVNPKDLEKVDIKKVRASVLYNQDEHLSKRKSHENTALVKMYQNYFGKPG
EGRAHEILHFKYKKSAWSHPQFEK
;
_entity_poly.pdbx_strand_id   A,B
#
loop_
_chem_comp.id
_chem_comp.type
_chem_comp.name
_chem_comp.formula
4WV non-polymer bis(cyanido-kappaC)(dicarbonyl)-mu-(oxomethylidene)-mu-(oxydimethanethiolate-1kappaS:2kappaS)diiron(2+) 'C7 H4 Fe2 N2 O4 S2 2'
FES non-polymer 'FE2/S2 (INORGANIC) CLUSTER' 'Fe2 S2'
GOL non-polymer GLYCEROL 'C3 H8 O3'
MG non-polymer 'MAGNESIUM ION' 'Mg 2'
SF4 non-polymer 'IRON/SULFUR CLUSTER' 'Fe4 S4'
#
# COMPACT_ATOMS: atom_id res chain seq x y z
N LYS A 2 -28.07 8.58 2.73
CA LYS A 2 -28.06 8.36 4.18
C LYS A 2 -28.56 9.58 4.92
N THR A 3 -29.27 9.36 6.03
CA THR A 3 -29.59 10.43 6.94
C THR A 3 -28.76 10.28 8.23
N ILE A 4 -27.93 11.28 8.48
CA ILE A 4 -27.03 11.34 9.63
C ILE A 4 -27.40 12.54 10.49
N ILE A 5 -27.55 12.33 11.80
CA ILE A 5 -27.69 13.45 12.75
C ILE A 5 -26.40 13.59 13.56
N ILE A 6 -25.78 14.75 13.50
CA ILE A 6 -24.60 15.00 14.31
C ILE A 6 -24.85 16.26 15.16
N ASN A 7 -24.78 16.10 16.48
CA ASN A 7 -25.05 17.18 17.41
C ASN A 7 -26.35 17.92 17.06
N GLY A 8 -27.35 17.15 16.66
CA GLY A 8 -28.69 17.66 16.46
C GLY A 8 -28.94 18.18 15.05
N VAL A 9 -27.90 18.16 14.21
CA VAL A 9 -27.98 18.66 12.84
C VAL A 9 -28.15 17.50 11.88
N GLN A 10 -29.14 17.60 11.00
CA GLN A 10 -29.41 16.57 10.05
C GLN A 10 -28.63 16.78 8.77
N PHE A 11 -28.05 15.67 8.29
CA PHE A 11 -27.34 15.65 7.03
C PHE A 11 -27.93 14.55 6.18
N ASN A 12 -28.09 14.84 4.90
CA ASN A 12 -28.48 13.84 3.92
C ASN A 12 -27.31 13.66 2.96
N THR A 13 -26.80 12.44 2.84
CA THR A 13 -25.57 12.22 2.11
C THR A 13 -25.51 10.86 1.44
N ASP A 14 -24.82 10.80 0.31
CA ASP A 14 -24.55 9.52 -0.34
C ASP A 14 -23.10 9.11 -0.11
N GLU A 15 -22.36 9.93 0.63
CA GLU A 15 -20.95 9.66 0.90
C GLU A 15 -20.77 8.34 1.65
N ASP A 16 -19.69 7.63 1.32
CA ASP A 16 -19.27 6.45 2.04
C ASP A 16 -17.93 6.74 2.65
N THR A 17 -17.93 7.14 3.92
CA THR A 17 -16.73 7.64 4.57
C THR A 17 -16.86 7.46 6.06
N THR A 18 -15.84 7.85 6.81
CA THR A 18 -15.87 7.73 8.26
C THR A 18 -16.55 8.94 8.90
N ILE A 19 -17.00 8.76 10.13
CA ILE A 19 -17.55 9.85 10.93
C ILE A 19 -16.57 11.01 10.99
N LEU A 20 -15.30 10.73 11.28
CA LEU A 20 -14.29 11.78 11.32
C LEU A 20 -14.21 12.60 10.04
N LYS A 21 -14.10 11.93 8.90
CA LYS A 21 -13.91 12.64 7.64
C LYS A 21 -15.15 13.44 7.30
N PHE A 22 -16.31 12.84 7.52
CA PHE A 22 -17.58 13.54 7.26
C PHE A 22 -17.70 14.77 8.14
N ALA A 23 -17.44 14.60 9.44
CA ALA A 23 -17.47 15.71 10.38
C ALA A 23 -16.55 16.83 9.95
N ARG A 24 -15.32 16.46 9.59
CA ARG A 24 -14.33 17.46 9.25
C ARG A 24 -14.70 18.16 7.94
N ASP A 25 -15.36 17.46 7.02
CA ASP A 25 -15.83 18.08 5.78
C ASP A 25 -17.00 19.03 6.04
N ASN A 26 -17.62 18.91 7.21
CA ASN A 26 -18.77 19.74 7.54
C ASN A 26 -18.53 20.63 8.75
N ASN A 27 -17.24 20.88 9.01
CA ASN A 27 -16.82 21.78 10.07
C ASN A 27 -17.38 21.44 11.44
N ILE A 28 -17.36 20.15 11.76
CA ILE A 28 -17.69 19.68 13.09
C ILE A 28 -16.39 19.19 13.69
N ASP A 29 -16.07 19.68 14.88
CA ASP A 29 -14.79 19.38 15.49
C ASP A 29 -14.79 18.00 16.14
N ILE A 30 -13.86 17.18 15.69
CA ILE A 30 -13.57 15.90 16.34
C ILE A 30 -12.05 15.84 16.43
N SER A 31 -11.54 15.54 17.62
CA SER A 31 -10.10 15.42 17.82
C SER A 31 -9.60 14.09 17.32
N ALA A 32 -8.31 14.03 17.00
CA ALA A 32 -7.69 12.79 16.62
C ALA A 32 -6.23 12.85 17.01
N LEU A 33 -5.64 11.70 17.21
CA LEU A 33 -4.22 11.63 17.50
C LEU A 33 -3.56 10.57 16.62
N CYS A 34 -3.94 9.30 16.77
CA CYS A 34 -3.21 8.25 16.08
C CYS A 34 -3.62 8.13 14.60
N PHE A 35 -4.73 8.77 14.22
CA PHE A 35 -5.13 8.80 12.81
C PHE A 35 -4.29 9.76 11.96
N LEU A 36 -3.66 9.22 10.93
CA LEU A 36 -2.85 9.98 9.99
C LEU A 36 -2.64 9.13 8.74
N ASN A 37 -2.43 9.75 7.59
CA ASN A 37 -2.13 8.99 6.37
C ASN A 37 -3.22 7.94 6.13
N ASN A 38 -4.46 8.31 6.45
CA ASN A 38 -5.61 7.45 6.25
C ASN A 38 -5.57 6.11 7.01
N CYS A 39 -4.83 6.05 8.12
CA CYS A 39 -4.93 4.88 8.97
C CYS A 39 -4.73 5.27 10.41
N ASN A 40 -5.22 4.44 11.31
CA ASN A 40 -5.01 4.65 12.74
C ASN A 40 -4.22 3.50 13.30
N ASN A 41 -4.06 3.50 14.61
CA ASN A 41 -3.29 2.46 15.30
C ASN A 41 -4.20 1.29 15.64
N ASP A 42 -4.25 0.29 14.75
CA ASP A 42 -5.27 -0.74 14.82
C ASP A 42 -5.22 -1.55 16.10
N ILE A 43 -4.02 -1.70 16.63
CA ILE A 43 -3.82 -2.30 17.93
C ILE A 43 -3.57 -1.18 18.94
N ASN A 44 -4.33 -1.19 20.02
CA ASN A 44 -4.29 -0.12 21.01
C ASN A 44 -4.57 1.26 20.39
N LYS A 45 -5.74 1.37 19.77
CA LYS A 45 -6.32 2.65 19.33
C LYS A 45 -6.28 3.72 20.40
N CYS A 46 -5.93 4.95 20.03
CA CYS A 46 -5.79 6.02 21.03
C CYS A 46 -7.17 6.45 21.56
N GLU A 47 -8.20 6.30 20.73
CA GLU A 47 -9.59 6.68 21.07
C GLU A 47 -9.81 8.18 21.36
N ILE A 48 -8.91 9.03 20.89
CA ILE A 48 -9.06 10.47 21.06
C ILE A 48 -10.21 10.98 20.18
N CYS A 49 -10.52 10.21 19.13
CA CYS A 49 -11.62 10.55 18.22
C CYS A 49 -12.96 9.97 18.64
N THR A 50 -13.09 9.63 19.93
CA THR A 50 -14.32 9.08 20.45
C THR A 50 -15.50 10.01 20.23
N VAL A 51 -16.59 9.41 19.76
CA VAL A 51 -17.89 10.05 19.69
C VAL A 51 -18.91 9.06 20.22
N GLU A 52 -20.13 9.53 20.44
CA GLU A 52 -21.21 8.67 20.89
C GLU A 52 -22.18 8.45 19.75
N VAL A 53 -22.55 7.20 19.54
CA VAL A 53 -23.57 6.87 18.56
C VAL A 53 -24.75 6.24 19.28
N GLU A 54 -25.91 6.89 19.20
CA GLU A 54 -27.10 6.41 19.92
C GLU A 54 -27.42 4.99 19.57
N GLY A 55 -27.62 4.18 20.60
CA GLY A 55 -27.96 2.78 20.43
C GLY A 55 -26.74 1.90 20.27
N THR A 56 -25.57 2.52 20.21
CA THR A 56 -24.32 1.78 20.04
C THR A 56 -23.35 2.10 21.17
N GLY A 57 -23.26 3.36 21.57
CA GLY A 57 -22.36 3.78 22.63
C GLY A 57 -21.16 4.54 22.08
N LEU A 58 -20.02 4.45 22.77
CA LEU A 58 -18.83 5.18 22.31
C LEU A 58 -18.14 4.42 21.18
N VAL A 59 -17.82 5.15 20.11
CA VAL A 59 -17.10 4.59 18.97
C VAL A 59 -15.94 5.51 18.57
N THR A 60 -14.98 4.95 17.85
CA THR A 60 -13.88 5.75 17.33
C THR A 60 -14.29 6.32 15.97
N ALA A 61 -14.42 7.65 15.91
CA ALA A 61 -14.86 8.31 14.67
C ALA A 61 -13.92 8.06 13.50
N CYS A 62 -12.62 7.86 13.77
CA CYS A 62 -11.67 7.85 12.67
C CYS A 62 -11.72 6.57 11.83
N ASP A 63 -12.38 5.52 12.31
CA ASP A 63 -12.40 4.26 11.60
C ASP A 63 -13.79 3.60 11.65
N THR A 64 -14.80 4.42 11.92
CA THR A 64 -16.19 3.96 11.89
C THR A 64 -16.90 4.65 10.74
N LEU A 65 -17.46 3.86 9.83
CA LEU A 65 -18.17 4.39 8.66
C LEU A 65 -19.53 4.94 9.04
N ILE A 66 -19.92 6.05 8.42
CA ILE A 66 -21.26 6.59 8.67
C ILE A 66 -22.27 5.61 8.09
N GLU A 67 -23.42 5.53 8.74
CA GLU A 67 -24.49 4.66 8.28
C GLU A 67 -25.80 5.43 8.38
N ASP A 68 -26.72 5.18 7.44
CA ASP A 68 -28.04 5.80 7.51
C ASP A 68 -28.63 5.56 8.90
N GLY A 69 -29.24 6.59 9.49
CA GLY A 69 -29.87 6.43 10.78
C GLY A 69 -28.98 6.70 11.98
N MET A 70 -27.70 6.98 11.77
CA MET A 70 -26.83 7.30 12.90
C MET A 70 -27.22 8.62 13.54
N ILE A 71 -27.26 8.63 14.85
CA ILE A 71 -27.40 9.85 15.63
C ILE A 71 -26.16 9.99 16.50
N ILE A 72 -25.38 11.02 16.24
CA ILE A 72 -24.03 11.15 16.76
C ILE A 72 -23.89 12.38 17.64
N ASN A 73 -23.26 12.20 18.80
CA ASN A 73 -22.87 13.33 19.63
C ASN A 73 -21.37 13.31 19.88
N THR A 74 -20.73 14.42 19.53
CA THR A 74 -19.27 14.54 19.58
C THR A 74 -18.77 15.25 20.82
N ASN A 75 -19.68 15.80 21.62
CA ASN A 75 -19.30 16.71 22.67
C ASN A 75 -20.08 16.50 23.96
N SER A 76 -20.58 15.30 24.18
CA SER A 76 -21.29 15.00 25.42
C SER A 76 -20.30 14.87 26.56
N ASP A 77 -20.80 14.97 27.79
CA ASP A 77 -19.98 14.79 28.98
C ASP A 77 -19.25 13.44 28.95
N ALA A 78 -19.97 12.38 28.58
CA ALA A 78 -19.38 11.04 28.50
C ALA A 78 -18.23 10.97 27.50
N VAL A 79 -18.41 11.61 26.35
CA VAL A 79 -17.38 11.61 25.32
C VAL A 79 -16.14 12.33 25.84
N ASN A 80 -16.35 13.52 26.37
CA ASN A 80 -15.22 14.34 26.75
C ASN A 80 -14.47 13.75 27.93
N GLU A 81 -15.18 13.02 28.79
CA GLU A 81 -14.54 12.38 29.92
C GLU A 81 -13.66 11.22 29.46
N LYS A 82 -14.13 10.50 28.44
CA LYS A 82 -13.35 9.41 27.89
C LYS A 82 -12.05 9.90 27.24
N ILE A 83 -12.16 10.94 26.43
CA ILE A 83 -11.02 11.49 25.72
C ILE A 83 -10.01 12.04 26.72
N LYS A 84 -10.54 12.73 27.73
CA LYS A 84 -9.70 13.31 28.77
C LYS A 84 -8.97 12.20 29.50
N SER A 85 -9.65 11.09 29.73
CA SER A 85 -9.07 9.95 30.40
C SER A 85 -7.92 9.34 29.59
N ARG A 86 -8.10 9.22 28.29
CA ARG A 86 -7.05 8.70 27.42
C ARG A 86 -5.82 9.59 27.43
N ILE A 87 -6.03 10.90 27.38
CA ILE A 87 -4.92 11.86 27.35
C ILE A 87 -4.18 11.84 28.69
N SER A 88 -4.94 11.71 29.78
CA SER A 88 -4.34 11.58 31.11
C SER A 88 -3.48 10.33 31.21
N GLN A 89 -3.96 9.24 30.61
CA GLN A 89 -3.21 8.00 30.58
C GLN A 89 -1.93 8.15 29.77
N LEU A 90 -1.97 8.94 28.70
CA LEU A 90 -0.76 9.20 27.95
C LEU A 90 0.20 10.08 28.74
N LEU A 91 -0.34 11.04 29.48
CA LEU A 91 0.50 11.87 30.32
C LEU A 91 1.25 11.02 31.35
N ASP A 92 0.63 9.91 31.78
CA ASP A 92 1.25 9.00 32.76
C ASP A 92 2.51 8.31 32.23
N ILE A 93 2.72 8.35 30.92
CA ILE A 93 3.92 7.75 30.32
C ILE A 93 4.69 8.81 29.52
N HIS A 94 4.39 10.07 29.81
CA HIS A 94 4.98 11.17 29.06
C HIS A 94 5.73 12.17 29.95
N GLU A 95 7.01 12.39 29.64
CA GLU A 95 7.81 13.37 30.37
C GLU A 95 7.39 14.75 29.91
N PHE A 96 6.44 15.32 30.65
CA PHE A 96 5.75 16.54 30.25
C PHE A 96 6.57 17.75 30.71
N LYS A 97 7.59 18.07 29.93
CA LYS A 97 8.48 19.18 30.20
C LYS A 97 8.75 19.93 28.90
N CYS A 98 7.81 20.80 28.53
CA CYS A 98 7.80 21.43 27.23
C CYS A 98 8.90 22.48 27.05
N GLY A 99 9.31 23.08 28.16
CA GLY A 99 10.29 24.17 28.14
C GLY A 99 11.46 23.99 27.19
N PRO A 100 12.25 22.94 27.39
CA PRO A 100 13.40 22.62 26.57
C PRO A 100 13.12 21.69 25.40
N CYS A 101 11.86 21.34 25.20
CA CYS A 101 11.49 20.33 24.21
C CYS A 101 11.53 20.87 22.78
N ASN A 102 12.03 20.08 21.83
CA ASN A 102 12.21 20.57 20.47
C ASN A 102 10.91 20.65 19.67
N ARG A 103 9.79 20.19 20.24
CA ARG A 103 8.49 20.38 19.61
C ARG A 103 7.59 21.39 20.35
N ARG A 104 8.17 22.12 21.30
CA ARG A 104 7.42 23.06 22.12
C ARG A 104 6.44 23.92 21.33
N GLU A 105 6.88 24.42 20.18
CA GLU A 105 6.09 25.41 19.43
C GLU A 105 5.07 24.79 18.47
N ASN A 106 5.12 23.47 18.25
CA ASN A 106 4.19 22.85 17.30
C ASN A 106 3.89 21.39 17.60
N CYS A 107 3.62 21.12 18.87
CA CYS A 107 3.32 19.77 19.33
C CYS A 107 1.83 19.46 19.32
N GLU A 108 1.46 18.34 18.72
CA GLU A 108 0.04 17.96 18.64
C GLU A 108 -0.49 17.52 19.99
N PHE A 109 0.36 16.86 20.75
CA PHE A 109 -0.05 16.33 22.04
C PHE A 109 -0.34 17.46 23.02
N LEU A 110 0.57 18.42 23.08
CA LEU A 110 0.40 19.56 23.96
C LEU A 110 -0.94 20.23 23.68
N LYS A 111 -1.30 20.37 22.39
CA LYS A 111 -2.56 21.01 22.05
C LYS A 111 -3.76 20.23 22.59
N LEU A 112 -3.64 18.90 22.61
CA LEU A 112 -4.73 18.06 23.10
C LEU A 112 -4.81 18.16 24.61
N VAL A 113 -3.65 18.22 25.25
CA VAL A 113 -3.61 18.32 26.71
C VAL A 113 -4.29 19.62 27.16
N ILE A 114 -3.97 20.71 26.49
CA ILE A 114 -4.58 22.01 26.77
C ILE A 114 -6.08 22.00 26.45
N LYS A 115 -6.45 21.42 25.32
CA LYS A 115 -7.85 21.40 24.90
C LYS A 115 -8.75 20.70 25.90
N TYR A 116 -8.30 19.57 26.41
CA TYR A 116 -9.13 18.78 27.32
C TYR A 116 -8.75 19.01 28.78
N LYS A 117 -7.77 19.88 29.01
CA LYS A 117 -7.30 20.20 30.36
C LYS A 117 -6.92 18.94 31.11
N ALA A 118 -6.18 18.06 30.45
CA ALA A 118 -5.83 16.76 31.03
C ALA A 118 -4.63 16.87 31.97
N ARG A 119 -4.59 15.96 32.93
CA ARG A 119 -3.49 15.90 33.89
C ARG A 119 -3.12 14.47 34.14
N ALA A 120 -1.83 14.21 34.37
CA ALA A 120 -1.41 12.86 34.70
C ALA A 120 -1.99 12.46 36.05
N SER A 121 -2.26 11.17 36.22
CA SER A 121 -2.63 10.63 37.53
C SER A 121 -1.40 10.62 38.42
N LYS A 122 -0.26 10.36 37.78
CA LYS A 122 1.02 10.34 38.43
C LYS A 122 2.02 10.84 37.41
N PRO A 123 2.62 12.01 37.66
CA PRO A 123 3.60 12.54 36.70
C PRO A 123 4.67 11.53 36.34
N PHE A 124 5.04 11.52 35.07
CA PHE A 124 6.11 10.64 34.60
C PHE A 124 7.42 11.41 34.65
N LEU A 125 8.27 11.01 35.58
CA LEU A 125 9.50 11.71 35.87
C LEU A 125 10.64 10.70 36.01
N PRO A 126 11.18 10.25 34.86
CA PRO A 126 12.28 9.30 34.88
C PRO A 126 13.58 10.00 35.24
N LYS A 127 14.46 9.36 36.00
CA LYS A 127 15.69 10.04 36.38
C LYS A 127 16.86 9.65 35.47
N ASP A 128 16.92 8.40 35.03
CA ASP A 128 17.95 8.01 34.07
C ASP A 128 17.37 7.96 32.67
N LYS A 129 17.29 9.12 32.04
CA LYS A 129 16.73 9.25 30.70
C LYS A 129 17.48 8.41 29.69
N THR A 130 18.74 8.08 29.99
CA THR A 130 19.61 7.50 29.00
C THR A 130 19.08 6.16 28.48
N GLU A 131 18.34 5.44 29.32
CA GLU A 131 17.77 4.16 28.89
C GLU A 131 16.53 4.34 27.99
N TYR A 132 16.00 5.55 27.89
CA TYR A 132 14.86 5.84 27.02
C TYR A 132 15.32 6.40 25.68
N VAL A 133 16.60 6.74 25.59
CA VAL A 133 17.13 7.48 24.44
C VAL A 133 18.02 6.60 23.59
N ASP A 134 17.85 6.72 22.27
CA ASP A 134 18.72 6.05 21.31
C ASP A 134 19.29 7.07 20.33
N GLU A 135 20.56 7.39 20.51
CA GLU A 135 21.28 8.33 19.67
C GLU A 135 22.38 7.68 18.85
N ARG A 136 22.32 6.36 18.70
CA ARG A 136 23.37 5.65 17.97
C ARG A 136 23.45 5.98 16.50
N SER A 137 22.30 6.30 15.91
CA SER A 137 22.23 6.55 14.48
C SER A 137 22.92 7.87 14.10
N LYS A 138 23.49 7.87 12.90
CA LYS A 138 24.03 9.07 12.31
C LYS A 138 22.93 10.04 11.86
N SER A 139 21.68 9.55 11.80
CA SER A 139 20.58 10.30 11.16
C SER A 139 19.36 10.54 12.05
N LEU A 140 18.96 9.51 12.80
CA LEU A 140 17.74 9.52 13.61
C LEU A 140 18.05 9.44 15.09
N THR A 141 17.16 9.97 15.92
CA THR A 141 17.25 9.72 17.36
C THR A 141 15.87 9.47 17.92
N VAL A 142 15.82 8.67 18.97
CA VAL A 142 14.59 8.27 19.61
C VAL A 142 14.65 8.71 21.05
N ASP A 143 13.58 9.34 21.52
CA ASP A 143 13.42 9.69 22.93
C ASP A 143 12.09 9.12 23.42
N ARG A 144 12.14 7.92 23.98
CA ARG A 144 10.93 7.20 24.34
C ARG A 144 10.23 7.76 25.57
N THR A 145 10.81 8.76 26.23
CA THR A 145 10.08 9.45 27.30
C THR A 145 8.96 10.32 26.73
N LYS A 146 8.95 10.51 25.41
CA LYS A 146 7.93 11.33 24.74
C LYS A 146 6.96 10.47 23.93
N CYS A 147 7.25 9.18 23.78
CA CYS A 147 6.51 8.34 22.84
C CYS A 147 5.13 7.94 23.35
N LEU A 148 4.12 8.22 22.53
CA LEU A 148 2.73 7.95 22.83
C LEU A 148 2.27 6.57 22.34
N LEU A 149 3.16 5.82 21.68
CA LEU A 149 2.85 4.52 21.10
C LEU A 149 1.62 4.61 20.19
N CYS A 150 1.56 5.73 19.47
CA CYS A 150 0.46 6.02 18.56
C CYS A 150 0.58 5.28 17.23
N GLY A 151 1.75 4.72 16.96
CA GLY A 151 1.98 3.97 15.74
C GLY A 151 2.10 4.78 14.46
N ARG A 152 2.08 6.12 14.52
CA ARG A 152 2.09 6.90 13.28
C ARG A 152 3.38 6.71 12.51
N CYS A 153 4.50 6.55 13.22
CA CYS A 153 5.79 6.32 12.57
C CYS A 153 5.84 4.97 11.86
N VAL A 154 5.31 3.95 12.51
CA VAL A 154 5.28 2.58 11.97
C VAL A 154 4.43 2.58 10.71
N ASN A 155 3.27 3.20 10.79
CA ASN A 155 2.38 3.31 9.64
C ASN A 155 2.99 4.14 8.50
N ALA A 156 3.64 5.25 8.83
CA ALA A 156 4.25 6.08 7.79
C ALA A 156 5.40 5.37 7.11
N CYS A 157 6.21 4.63 7.87
CA CYS A 157 7.31 3.89 7.29
C CYS A 157 6.78 2.86 6.29
N GLY A 158 5.76 2.13 6.71
CA GLY A 158 5.16 1.10 5.87
C GLY A 158 4.61 1.70 4.59
N LYS A 159 3.88 2.79 4.74
CA LYS A 159 3.24 3.42 3.58
C LYS A 159 4.25 4.10 2.66
N ASN A 160 5.19 4.85 3.24
CA ASN A 160 6.15 5.62 2.46
C ASN A 160 7.27 4.78 1.84
N THR A 161 7.74 3.75 2.54
CA THR A 161 8.93 3.01 2.09
C THR A 161 8.68 1.53 1.84
N GLU A 162 7.65 0.99 2.50
CA GLU A 162 7.37 -0.44 2.52
C GLU A 162 8.51 -1.29 3.08
N THR A 163 9.45 -0.66 3.78
CA THR A 163 10.52 -1.43 4.41
C THR A 163 10.08 -1.99 5.76
N TYR A 164 9.14 -1.31 6.41
CA TYR A 164 8.71 -1.61 7.77
C TYR A 164 9.92 -1.64 8.71
N ALA A 165 10.90 -0.79 8.44
CA ALA A 165 12.08 -0.70 9.28
C ALA A 165 11.74 -0.18 10.67
N MET A 166 10.68 0.62 10.77
CA MET A 166 10.17 1.02 12.07
C MET A 166 9.12 0.03 12.56
N LYS A 167 9.35 -0.54 13.73
CA LYS A 167 8.50 -1.62 14.24
C LYS A 167 8.07 -1.40 15.69
N PHE A 168 6.92 -1.95 16.06
CA PHE A 168 6.65 -2.22 17.46
C PHE A 168 7.54 -3.38 17.92
N LEU A 169 8.13 -3.22 19.10
CA LEU A 169 8.99 -4.22 19.71
C LEU A 169 8.52 -4.53 21.12
N ASN A 170 8.74 -5.76 21.55
CA ASN A 170 8.53 -6.14 22.92
C ASN A 170 9.91 -6.10 23.61
N LYS A 171 10.14 -5.07 24.43
CA LYS A 171 11.40 -4.91 25.14
C LYS A 171 11.20 -5.20 26.63
N ASN A 172 11.60 -6.38 27.06
CA ASN A 172 11.50 -6.77 28.47
C ASN A 172 10.08 -6.60 29.00
N GLY A 173 9.11 -7.09 28.24
CA GLY A 173 7.73 -7.05 28.68
C GLY A 173 6.95 -5.79 28.37
N LYS A 174 7.62 -4.74 27.92
CA LYS A 174 6.95 -3.49 27.57
C LYS A 174 7.09 -3.13 26.08
N THR A 175 6.06 -2.46 25.56
CA THR A 175 6.02 -2.11 24.14
C THR A 175 6.77 -0.83 23.85
N ILE A 176 7.66 -0.88 22.87
CA ILE A 176 8.35 0.29 22.35
C ILE A 176 8.27 0.31 20.84
N ILE A 177 8.65 1.42 20.23
CA ILE A 177 8.96 1.40 18.81
C ILE A 177 10.47 1.49 18.64
N GLY A 178 10.92 1.00 17.50
CA GLY A 178 12.33 0.99 17.20
C GLY A 178 12.63 0.18 15.96
N ALA A 179 13.92 -0.05 15.75
CA ALA A 179 14.37 -0.83 14.60
C ALA A 179 14.34 -2.32 14.93
N GLU A 180 14.48 -3.12 13.89
CA GLU A 180 14.54 -4.57 14.00
C GLU A 180 15.51 -4.99 15.10
N ASP A 181 15.05 -5.83 16.02
CA ASP A 181 15.87 -6.36 17.11
C ASP A 181 16.49 -5.28 17.97
N GLU A 182 15.84 -4.10 17.98
CA GLU A 182 16.31 -2.92 18.71
C GLU A 182 17.74 -2.56 18.34
N LYS A 183 18.10 -2.85 17.10
CA LYS A 183 19.40 -2.44 16.57
C LYS A 183 19.42 -0.94 16.30
N CYS A 184 20.63 -0.40 16.10
CA CYS A 184 20.76 0.94 15.56
C CYS A 184 20.10 0.96 14.17
N PHE A 185 19.27 1.96 13.88
CA PHE A 185 18.60 2.03 12.58
C PHE A 185 19.58 1.84 11.42
N ASP A 186 20.77 2.42 11.53
CA ASP A 186 21.72 2.38 10.44
C ASP A 186 22.12 0.95 10.08
N ASP A 187 22.03 0.05 11.04
CA ASP A 187 22.53 -1.31 10.83
C ASP A 187 21.42 -2.22 10.36
N THR A 188 20.29 -1.62 9.97
CA THR A 188 19.14 -2.36 9.48
C THR A 188 18.82 -1.90 8.06
N ASN A 189 17.70 -2.37 7.52
CA ASN A 189 17.37 -2.02 6.15
C ASN A 189 16.78 -0.62 6.03
N CYS A 190 16.63 0.05 7.17
CA CYS A 190 16.20 1.46 7.22
C CYS A 190 16.91 2.36 6.19
N LEU A 191 16.17 3.28 5.58
CA LEU A 191 16.68 4.16 4.54
C LEU A 191 17.19 5.49 5.13
N LEU A 192 16.88 5.69 6.41
CA LEU A 192 17.23 6.90 7.14
C LEU A 192 16.59 8.14 6.52
N CYS A 193 15.44 7.93 5.89
CA CYS A 193 14.70 8.97 5.18
C CYS A 193 13.90 9.92 6.09
N GLY A 194 13.66 9.47 7.31
CA GLY A 194 13.02 10.30 8.32
C GLY A 194 11.54 10.54 8.12
N GLN A 195 10.85 9.72 7.34
CA GLN A 195 9.40 9.92 7.20
C GLN A 195 8.69 9.62 8.51
N CYS A 196 9.27 8.73 9.30
CA CYS A 196 8.78 8.42 10.62
C CYS A 196 8.79 9.69 11.49
N ILE A 197 9.86 10.48 11.42
CA ILE A 197 9.91 11.73 12.16
C ILE A 197 8.78 12.66 11.74
N ILE A 198 8.62 12.81 10.43
CA ILE A 198 7.62 13.71 9.88
C ILE A 198 6.21 13.32 10.38
N ALA A 199 6.00 12.02 10.62
CA ALA A 199 4.72 11.54 11.09
C ALA A 199 4.52 11.65 12.60
N CYS A 200 5.61 11.90 13.34
CA CYS A 200 5.52 11.86 14.80
C CYS A 200 4.81 13.12 15.35
N PRO A 201 3.79 12.95 16.21
CA PRO A 201 3.07 14.09 16.74
C PRO A 201 3.80 14.84 17.85
N VAL A 202 4.89 14.26 18.33
CA VAL A 202 5.60 14.73 19.53
C VAL A 202 7.09 14.71 19.28
N ALA A 203 7.90 14.89 20.33
CA ALA A 203 9.33 15.01 20.15
C ALA A 203 10.05 13.69 20.37
N ALA A 204 9.34 12.58 20.15
CA ALA A 204 9.88 11.26 20.38
C ALA A 204 10.88 10.86 19.31
N LEU A 205 10.61 11.23 18.07
CA LEU A 205 11.57 11.01 16.97
C LEU A 205 12.13 12.34 16.49
N SER A 206 13.43 12.38 16.31
CA SER A 206 14.10 13.60 15.91
C SER A 206 15.26 13.25 15.01
N GLU A 207 15.84 14.27 14.38
CA GLU A 207 17.07 14.08 13.65
C GLU A 207 18.23 14.00 14.64
N LYS A 208 19.30 13.31 14.23
CA LYS A 208 20.55 13.32 14.97
C LYS A 208 21.13 14.72 14.85
N SER A 209 21.31 15.38 15.98
CA SER A 209 21.75 16.77 15.98
C SER A 209 23.18 16.95 15.49
N HIS A 210 23.40 17.91 14.59
CA HIS A 210 24.75 18.38 14.25
C HIS A 210 24.99 19.81 14.73
N MET A 211 24.13 20.32 15.58
CA MET A 211 24.16 21.74 15.91
C MET A 211 25.42 22.09 16.71
N ASP A 212 25.89 21.17 17.55
CA ASP A 212 27.12 21.41 18.28
C ASP A 212 28.35 21.38 17.37
N ARG A 213 28.40 20.48 16.39
CA ARG A 213 29.47 20.50 15.38
C ARG A 213 29.56 21.89 14.78
N VAL A 214 28.40 22.45 14.48
CA VAL A 214 28.34 23.73 13.79
C VAL A 214 28.77 24.86 14.73
N LYS A 215 28.16 24.95 15.90
CA LYS A 215 28.51 26.01 16.84
C LYS A 215 30.00 25.98 17.19
N ASN A 216 30.52 24.78 17.45
CA ASN A 216 31.94 24.64 17.76
C ASN A 216 32.83 25.15 16.64
N ALA A 217 32.47 24.83 15.40
CA ALA A 217 33.22 25.29 14.24
C ALA A 217 33.13 26.82 14.10
N LEU A 218 31.93 27.36 14.27
CA LEU A 218 31.72 28.81 14.16
C LEU A 218 32.59 29.55 15.17
N ASN A 219 32.69 29.01 16.37
CA ASN A 219 33.45 29.66 17.44
C ASN A 219 34.94 29.35 17.43
N ALA A 220 35.36 28.37 16.65
CA ALA A 220 36.78 28.04 16.55
C ALA A 220 37.47 29.15 15.76
N PRO A 221 38.47 29.81 16.36
CA PRO A 221 39.00 31.01 15.68
C PRO A 221 39.57 30.73 14.29
N GLU A 222 40.23 29.60 14.09
CA GLU A 222 40.92 29.35 12.84
C GLU A 222 40.05 28.68 11.77
N LYS A 223 38.84 28.28 12.12
CA LYS A 223 37.95 27.61 11.14
C LYS A 223 37.22 28.64 10.29
N HIS A 224 37.22 28.36 8.99
CA HIS A 224 36.47 29.16 8.02
C HIS A 224 35.24 28.33 7.65
N VAL A 225 34.07 28.75 8.12
CA VAL A 225 32.86 27.91 8.01
C VAL A 225 32.04 28.37 6.82
N ILE A 226 31.96 27.47 5.84
CA ILE A 226 31.09 27.59 4.68
C ILE A 226 29.73 27.01 5.01
N VAL A 227 28.68 27.68 4.58
CA VAL A 227 27.33 27.10 4.66
C VAL A 227 26.68 27.14 3.28
N ALA A 228 25.92 26.09 2.97
CA ALA A 228 25.25 25.99 1.69
C ALA A 228 23.93 25.28 1.94
N MET A 229 22.83 25.85 1.45
CA MET A 229 21.52 25.23 1.66
C MET A 229 21.02 24.49 0.44
N ALA A 230 20.24 23.45 0.72
CA ALA A 230 19.58 22.63 -0.29
C ALA A 230 18.53 23.43 -1.07
N PRO A 231 18.19 22.96 -2.29
CA PRO A 231 17.08 23.56 -3.03
C PRO A 231 15.85 23.79 -2.14
N SER A 232 15.43 22.77 -1.39
CA SER A 232 14.14 22.79 -0.71
C SER A 232 14.03 23.72 0.49
N VAL A 233 15.17 24.14 1.06
CA VAL A 233 15.12 24.90 2.29
C VAL A 233 14.46 26.27 2.07
N ARG A 234 14.76 26.88 0.92
CA ARG A 234 14.26 28.23 0.62
C ARG A 234 12.76 28.24 0.37
N ALA A 235 12.19 27.06 0.15
CA ALA A 235 10.76 26.89 -0.10
C ALA A 235 9.95 26.47 1.12
N SER A 236 10.61 26.29 2.27
CA SER A 236 9.92 25.64 3.37
C SER A 236 10.20 26.26 4.74
N ILE A 237 11.39 26.81 4.97
CA ILE A 237 11.76 27.19 6.33
C ILE A 237 10.83 28.32 6.87
N GLY A 238 10.31 29.16 5.97
CA GLY A 238 9.40 30.22 6.36
C GLY A 238 8.21 29.73 7.17
N GLU A 239 7.82 28.47 6.94
CA GLU A 239 6.72 27.87 7.68
C GLU A 239 6.91 27.93 9.19
N LEU A 240 8.15 27.80 9.65
CA LEU A 240 8.44 27.77 11.08
C LEU A 240 8.56 29.17 11.68
N PHE A 241 8.37 30.19 10.85
CA PHE A 241 8.36 31.57 11.30
C PHE A 241 7.02 32.21 11.02
N ASN A 242 5.99 31.38 10.98
CA ASN A 242 4.62 31.85 10.78
C ASN A 242 4.44 32.71 9.54
N MET A 243 5.19 32.40 8.48
CA MET A 243 5.08 33.14 7.22
C MET A 243 4.13 32.49 6.21
N GLY A 244 3.56 31.34 6.59
CA GLY A 244 2.71 30.58 5.72
C GLY A 244 3.46 29.60 4.81
N PHE A 245 2.74 29.05 3.84
CA PHE A 245 3.25 28.03 2.95
C PHE A 245 3.57 28.57 1.57
N GLY A 246 4.57 28.00 0.92
CA GLY A 246 4.91 28.35 -0.45
C GLY A 246 5.60 29.70 -0.59
N VAL A 247 6.23 30.17 0.48
CA VAL A 247 6.92 31.46 0.45
C VAL A 247 8.41 31.31 0.17
N ASP A 248 8.88 31.96 -0.88
CA ASP A 248 10.30 31.98 -1.23
C ASP A 248 11.03 32.92 -0.27
N VAL A 249 11.87 32.33 0.58
CA VAL A 249 12.63 33.12 1.56
C VAL A 249 14.15 33.02 1.35
N THR A 250 14.58 32.80 0.11
CA THR A 250 15.99 32.63 -0.22
C THR A 250 16.83 33.77 0.35
N GLY A 251 16.44 35.00 0.04
CA GLY A 251 17.22 36.15 0.42
C GLY A 251 17.32 36.32 1.93
N LYS A 252 16.25 36.02 2.64
CA LYS A 252 16.22 36.09 4.10
C LYS A 252 17.17 35.08 4.72
N ILE A 253 17.20 33.87 4.14
CA ILE A 253 18.11 32.84 4.63
C ILE A 253 19.56 33.29 4.53
N TYR A 254 19.95 33.82 3.38
CA TYR A 254 21.31 34.30 3.20
C TYR A 254 21.67 35.33 4.30
N THR A 255 20.76 36.27 4.57
CA THR A 255 20.99 37.26 5.63
C THR A 255 21.09 36.60 7.00
N ALA A 256 20.18 35.69 7.31
CA ALA A 256 20.19 35.04 8.60
C ALA A 256 21.50 34.26 8.80
N LEU A 257 22.01 33.66 7.73
CA LEU A 257 23.20 32.82 7.87
C LEU A 257 24.40 33.70 8.17
N ARG A 258 24.47 34.85 7.52
CA ARG A 258 25.52 35.83 7.82
C ARG A 258 25.38 36.29 9.27
N GLN A 259 24.17 36.62 9.69
CA GLN A 259 23.97 37.03 11.08
C GLN A 259 24.31 35.92 12.09
N LEU A 260 24.27 34.67 11.64
CA LEU A 260 24.67 33.56 12.52
C LEU A 260 26.19 33.41 12.63
N GLY A 261 26.92 34.08 11.74
CA GLY A 261 28.37 34.15 11.82
C GLY A 261 29.12 33.23 10.86
N PHE A 262 28.40 32.60 9.94
CA PHE A 262 29.06 31.82 8.90
C PHE A 262 29.98 32.71 8.07
N ASP A 263 31.10 32.14 7.63
CA ASP A 263 32.13 32.93 6.98
C ASP A 263 31.97 33.00 5.49
N LYS A 264 31.23 32.07 4.90
CA LYS A 264 30.96 32.15 3.47
C LYS A 264 29.60 31.56 3.21
N ILE A 265 28.85 32.21 2.33
CA ILE A 265 27.47 31.83 2.02
C ILE A 265 27.38 31.35 0.58
N PHE A 266 27.37 30.03 0.42
CA PHE A 266 27.29 29.42 -0.90
C PHE A 266 25.91 28.75 -1.00
N ASP A 267 25.75 27.83 -1.96
CA ASP A 267 24.43 27.25 -2.20
C ASP A 267 24.58 25.86 -2.84
N ILE A 268 23.84 24.90 -2.31
CA ILE A 268 23.94 23.52 -2.81
C ILE A 268 23.39 23.46 -4.23
N ASN A 269 22.55 24.42 -4.62
CA ASN A 269 22.10 24.45 -6.01
C ASN A 269 23.28 24.58 -6.99
N PHE A 270 24.37 25.18 -6.55
CA PHE A 270 25.59 25.22 -7.34
C PHE A 270 26.13 23.80 -7.51
N GLY A 271 26.08 23.05 -6.41
CA GLY A 271 26.47 21.64 -6.43
C GLY A 271 25.54 20.83 -7.33
N ALA A 272 24.26 21.18 -7.35
CA ALA A 272 23.32 20.51 -8.23
C ALA A 272 23.74 20.69 -9.70
N ASP A 273 24.11 21.92 -10.08
CA ASP A 273 24.60 22.16 -11.44
C ASP A 273 25.87 21.34 -11.71
N MET A 274 26.73 21.18 -10.70
CA MET A 274 27.90 20.34 -10.83
C MET A 274 27.51 18.88 -11.10
N THR A 275 26.58 18.38 -10.30
CA THR A 275 26.14 16.98 -10.44
C THR A 275 25.61 16.77 -11.87
N ILE A 276 24.87 17.74 -12.38
CA ILE A 276 24.35 17.63 -13.74
C ILE A 276 25.47 17.64 -14.79
N MET A 277 26.47 18.52 -14.62
CA MET A 277 27.63 18.49 -15.51
C MET A 277 28.19 17.09 -15.64
N GLU A 278 28.44 16.46 -14.51
CA GLU A 278 29.03 15.13 -14.49
C GLU A 278 28.04 14.07 -14.98
N GLU A 279 26.83 14.13 -14.46
CA GLU A 279 25.85 13.09 -14.76
C GLU A 279 25.34 13.13 -16.20
N ALA A 280 25.05 14.32 -16.71
CA ALA A 280 24.67 14.48 -18.12
C ALA A 280 25.80 14.02 -19.03
N THR A 281 27.04 14.33 -18.65
CA THR A 281 28.18 13.85 -19.42
C THR A 281 28.23 12.32 -19.40
N GLU A 282 27.98 11.72 -18.23
CA GLU A 282 27.97 10.27 -18.10
C GLU A 282 26.84 9.67 -18.94
N LEU A 283 25.68 10.31 -18.92
CA LEU A 283 24.54 9.79 -19.68
C LEU A 283 24.85 9.77 -21.17
N VAL A 284 25.42 10.85 -21.69
CA VAL A 284 25.80 10.95 -23.10
C VAL A 284 26.87 9.91 -23.45
N GLN A 285 27.79 9.64 -22.52
CA GLN A 285 28.77 8.58 -22.69
C GLN A 285 28.10 7.21 -22.83
N ARG A 286 27.25 6.86 -21.87
CA ARG A 286 26.59 5.55 -21.87
C ARG A 286 25.80 5.37 -23.16
N ILE A 287 25.20 6.44 -23.65
CA ILE A 287 24.48 6.40 -24.92
C ILE A 287 25.44 6.03 -26.04
N GLU A 288 26.49 6.84 -26.19
CA GLU A 288 27.45 6.65 -27.26
C GLU A 288 28.09 5.26 -27.20
N ASN A 289 28.21 4.71 -25.99
CA ASN A 289 28.70 3.36 -25.78
C ASN A 289 27.57 2.33 -25.69
N ASN A 290 26.38 2.73 -26.14
CA ASN A 290 25.17 1.90 -26.11
C ASN A 290 25.04 1.07 -24.83
N GLY A 291 25.37 1.68 -23.70
CA GLY A 291 25.25 1.03 -22.41
C GLY A 291 26.32 1.48 -21.44
N PRO A 292 26.27 0.98 -20.20
CA PRO A 292 25.22 0.10 -19.69
C PRO A 292 23.93 0.85 -19.33
N PHE A 293 22.80 0.17 -19.43
CA PHE A 293 21.50 0.76 -19.08
C PHE A 293 20.76 -0.16 -18.11
N PRO A 294 19.85 0.40 -17.29
CA PRO A 294 19.62 1.84 -17.18
C PRO A 294 20.69 2.50 -16.35
N MET A 295 20.80 3.81 -16.42
CA MET A 295 21.56 4.56 -15.44
C MET A 295 20.58 5.10 -14.41
N PHE A 296 20.85 4.85 -13.13
CA PHE A 296 20.03 5.41 -12.05
C PHE A 296 20.72 6.64 -11.46
N THR A 297 19.93 7.62 -11.05
CA THR A 297 20.47 8.73 -10.25
C THR A 297 21.03 8.18 -8.93
N SER A 298 21.94 8.94 -8.32
CA SER A 298 22.58 8.52 -7.08
C SER A 298 22.65 9.64 -6.04
N CYS A 299 21.85 10.70 -6.25
CA CYS A 299 21.89 11.89 -5.39
C CYS A 299 21.04 11.79 -4.14
N CYS A 300 20.11 10.84 -4.12
CA CYS A 300 19.28 10.58 -2.94
C CYS A 300 19.88 9.48 -2.08
N PRO A 301 20.37 9.82 -0.87
CA PRO A 301 20.99 8.76 -0.06
C PRO A 301 20.00 7.76 0.53
N GLY A 302 18.71 8.11 0.61
CA GLY A 302 17.69 7.13 0.97
C GLY A 302 17.60 6.03 -0.06
N TRP A 303 17.56 6.44 -1.33
CA TRP A 303 17.58 5.52 -2.46
C TRP A 303 18.89 4.73 -2.51
N VAL A 304 20.02 5.36 -2.24
CA VAL A 304 21.27 4.60 -2.27
C VAL A 304 21.23 3.49 -1.22
N ARG A 305 20.72 3.80 -0.02
CA ARG A 305 20.58 2.78 1.01
C ARG A 305 19.58 1.71 0.58
N GLN A 306 18.51 2.13 -0.07
CA GLN A 306 17.53 1.15 -0.58
C GLN A 306 18.18 0.20 -1.58
N ALA A 307 18.99 0.75 -2.49
CA ALA A 307 19.71 -0.08 -3.45
C ALA A 307 20.68 -1.00 -2.70
N GLU A 308 21.46 -0.43 -1.79
CA GLU A 308 22.41 -1.23 -1.03
C GLU A 308 21.77 -2.38 -0.27
N ASN A 309 20.60 -2.11 0.30
CA ASN A 309 19.95 -3.04 1.20
C ASN A 309 19.05 -4.05 0.49
N TYR A 310 18.54 -3.68 -0.68
CA TYR A 310 17.53 -4.50 -1.33
C TYR A 310 17.85 -4.84 -2.78
N TYR A 311 18.67 -4.03 -3.45
CA TYR A 311 18.98 -4.25 -4.87
C TYR A 311 20.46 -4.02 -5.16
N PRO A 312 21.34 -4.79 -4.49
CA PRO A 312 22.77 -4.52 -4.65
C PRO A 312 23.25 -4.71 -6.09
N GLU A 313 22.48 -5.44 -6.88
CA GLU A 313 22.79 -5.67 -8.29
C GLU A 313 22.72 -4.40 -9.12
N LEU A 314 22.02 -3.38 -8.62
CA LEU A 314 21.89 -2.12 -9.34
C LEU A 314 22.99 -1.11 -9.01
N LEU A 315 23.79 -1.39 -7.99
CA LEU A 315 24.77 -0.40 -7.54
C LEU A 315 25.71 0.00 -8.68
N ASN A 316 26.01 -0.96 -9.55
CA ASN A 316 26.89 -0.65 -10.67
C ASN A 316 26.20 0.22 -11.71
N ASN A 317 24.87 0.26 -11.67
CA ASN A 317 24.10 1.08 -12.60
C ASN A 317 23.95 2.51 -12.13
N LEU A 318 24.23 2.78 -10.86
CA LEU A 318 24.13 4.14 -10.36
C LEU A 318 25.15 5.06 -11.01
N SER A 319 24.71 6.28 -11.31
CA SER A 319 25.60 7.34 -11.76
C SER A 319 26.76 7.48 -10.78
N SER A 320 27.98 7.66 -11.28
CA SER A 320 29.12 7.81 -10.39
C SER A 320 29.28 9.24 -9.88
N ALA A 321 28.56 10.20 -10.46
CA ALA A 321 28.64 11.57 -9.98
C ALA A 321 28.24 11.64 -8.50
N LYS A 322 28.99 12.38 -7.69
CA LYS A 322 28.59 12.61 -6.30
C LYS A 322 27.31 13.42 -6.27
N SER A 323 26.59 13.32 -5.16
CA SER A 323 25.38 14.08 -4.97
C SER A 323 25.75 15.55 -4.88
N PRO A 324 24.77 16.43 -5.11
CA PRO A 324 25.09 17.86 -5.00
C PRO A 324 25.80 18.23 -3.68
N GLN A 325 25.36 17.62 -2.58
CA GLN A 325 25.97 17.89 -1.29
C GLN A 325 27.42 17.45 -1.27
N GLN A 326 27.67 16.21 -1.67
CA GLN A 326 29.02 15.69 -1.55
C GLN A 326 29.95 16.26 -2.63
N ILE A 327 29.41 16.58 -3.80
CA ILE A 327 30.22 17.08 -4.90
C ILE A 327 30.63 18.53 -4.59
N PHE A 328 29.69 19.27 -4.01
CA PHE A 328 29.95 20.59 -3.49
C PHE A 328 31.02 20.54 -2.41
N GLY A 329 30.83 19.63 -1.45
CA GLY A 329 31.76 19.45 -0.36
C GLY A 329 33.16 19.15 -0.85
N THR A 330 33.26 18.31 -1.87
CA THR A 330 34.56 17.94 -2.40
C THR A 330 35.25 19.19 -2.97
N ALA A 331 34.51 19.96 -3.75
CA ALA A 331 35.04 21.18 -4.34
C ALA A 331 35.37 22.24 -3.28
N SER A 332 34.66 22.23 -2.16
CA SER A 332 34.90 23.22 -1.12
C SER A 332 36.25 23.01 -0.42
N LYS A 333 36.85 21.82 -0.55
CA LYS A 333 38.14 21.56 0.08
C LYS A 333 39.30 21.60 -0.92
N THR A 334 38.97 21.81 -2.20
CA THR A 334 39.97 21.72 -3.27
C THR A 334 39.92 22.99 -4.11
N TYR A 335 38.82 23.19 -4.82
CA TYR A 335 38.68 24.36 -5.67
C TYR A 335 38.63 25.64 -4.83
N TYR A 336 37.87 25.62 -3.74
CA TYR A 336 37.64 26.84 -3.01
C TYR A 336 38.94 27.38 -2.36
N PRO A 337 39.75 26.52 -1.72
CA PRO A 337 41.06 27.04 -1.28
C PRO A 337 41.88 27.64 -2.42
N SER A 338 41.76 27.09 -3.61
CA SER A 338 42.55 27.53 -4.76
C SER A 338 42.17 28.94 -5.25
N ILE A 339 40.96 29.41 -4.89
CA ILE A 339 40.52 30.73 -5.29
C ILE A 339 40.39 31.68 -4.08
N SER A 340 40.85 31.25 -2.91
CA SER A 340 40.62 32.01 -1.68
C SER A 340 41.87 32.17 -0.82
N GLY A 341 42.80 31.22 -0.93
CA GLY A 341 43.99 31.20 -0.10
C GLY A 341 43.82 30.51 1.24
N LEU A 342 42.61 30.04 1.54
CA LEU A 342 42.38 29.33 2.77
C LEU A 342 43.20 28.04 2.82
N ASP A 343 43.68 27.68 4.00
CA ASP A 343 44.27 26.38 4.21
C ASP A 343 43.11 25.37 4.18
N PRO A 344 43.15 24.37 3.28
CA PRO A 344 42.03 23.43 3.18
C PRO A 344 41.63 22.79 4.51
N LYS A 345 42.61 22.55 5.39
CA LYS A 345 42.32 21.95 6.68
C LYS A 345 41.47 22.83 7.56
N ASN A 346 41.46 24.14 7.29
CA ASN A 346 40.70 25.07 8.13
C ASN A 346 39.30 25.34 7.60
N VAL A 347 39.00 24.82 6.42
CA VAL A 347 37.66 24.96 5.85
C VAL A 347 36.77 23.94 6.53
N PHE A 348 35.60 24.40 6.98
CA PHE A 348 34.62 23.55 7.62
C PHE A 348 33.32 23.76 6.87
N THR A 349 32.84 22.70 6.21
CA THR A 349 31.73 22.85 5.28
C THR A 349 30.45 22.28 5.86
N VAL A 350 29.45 23.16 5.98
CA VAL A 350 28.14 22.86 6.56
C VAL A 350 27.07 22.94 5.50
N THR A 351 26.19 21.93 5.42
CA THR A 351 25.00 22.05 4.59
C THR A 351 23.74 22.15 5.43
N VAL A 352 22.74 22.82 4.87
CA VAL A 352 21.41 22.87 5.43
C VAL A 352 20.54 22.05 4.49
N MET A 353 19.94 20.98 5.02
CA MET A 353 19.19 20.00 4.20
C MET A 353 17.77 19.75 4.68
N PRO A 354 16.87 19.37 3.76
CA PRO A 354 15.52 18.94 4.12
C PRO A 354 15.48 17.47 4.54
N CYS A 355 16.64 16.92 4.87
CA CYS A 355 16.88 15.49 4.83
C CYS A 355 17.67 15.00 6.03
N THR A 356 17.26 13.86 6.60
CA THR A 356 18.04 13.20 7.65
C THR A 356 19.08 12.23 7.09
N SER A 357 18.78 11.68 5.91
CA SER A 357 19.65 10.65 5.32
C SER A 357 20.97 11.27 4.86
N LYS A 358 20.95 12.58 4.59
CA LYS A 358 22.14 13.33 4.17
C LYS A 358 23.22 13.33 5.25
N LYS A 359 22.81 13.20 6.50
CA LYS A 359 23.76 13.12 7.60
C LYS A 359 24.55 11.83 7.50
N PHE A 360 23.87 10.75 7.13
CA PHE A 360 24.57 9.47 6.97
C PHE A 360 25.51 9.57 5.78
N GLU A 361 25.06 10.18 4.68
CA GLU A 361 25.86 10.30 3.47
C GLU A 361 27.14 11.06 3.77
N ALA A 362 27.01 12.18 4.48
CA ALA A 362 28.17 13.03 4.79
C ALA A 362 29.16 12.30 5.68
N ASP A 363 28.69 11.33 6.46
CA ASP A 363 29.58 10.67 7.41
C ASP A 363 30.09 9.31 6.90
N ARG A 364 29.85 9.01 5.62
CA ARG A 364 30.40 7.81 5.01
C ARG A 364 31.93 7.88 5.06
N PRO A 365 32.58 6.79 5.50
CA PRO A 365 34.03 6.89 5.70
C PRO A 365 34.82 7.38 4.48
N GLN A 366 34.47 6.94 3.29
CA GLN A 366 35.24 7.33 2.10
C GLN A 366 34.84 8.67 1.47
N MET A 367 33.88 9.38 2.04
CA MET A 367 33.52 10.71 1.57
C MET A 367 34.50 11.78 2.10
N GLU A 368 35.76 11.62 1.72
CA GLU A 368 36.84 12.52 2.12
C GLU A 368 38.01 12.30 1.17
N LYS A 369 39.00 13.18 1.25
CA LYS A 369 40.18 13.07 0.42
C LYS A 369 41.29 13.80 1.13
N ASP A 370 42.43 13.15 1.28
CA ASP A 370 43.60 13.73 1.94
C ASP A 370 43.26 14.12 3.37
N GLY A 371 42.44 13.29 4.03
CA GLY A 371 42.05 13.51 5.41
C GLY A 371 41.01 14.59 5.63
N LEU A 372 40.54 15.20 4.55
CA LEU A 372 39.52 16.25 4.66
C LEU A 372 38.15 15.72 4.23
N ARG A 373 37.20 15.80 5.14
CA ARG A 373 35.81 15.44 4.83
C ARG A 373 35.28 16.32 3.71
N ASP A 374 34.52 15.74 2.79
CA ASP A 374 33.78 16.56 1.82
C ASP A 374 32.89 17.55 2.57
N ILE A 375 32.16 17.00 3.56
CA ILE A 375 31.15 17.72 4.31
C ILE A 375 31.33 17.42 5.78
N ASP A 376 31.43 18.47 6.59
CA ASP A 376 31.76 18.34 8.00
C ASP A 376 30.55 18.32 8.93
N ALA A 377 29.44 18.89 8.47
CA ALA A 377 28.22 18.91 9.25
C ALA A 377 27.04 19.13 8.32
N VAL A 378 25.90 18.57 8.71
CA VAL A 378 24.63 18.69 8.00
C VAL A 378 23.57 19.02 9.01
N ILE A 379 22.89 20.15 8.86
CA ILE A 379 21.78 20.47 9.76
C ILE A 379 20.52 20.50 8.94
N THR A 380 19.43 20.02 9.53
CA THR A 380 18.15 20.01 8.84
C THR A 380 17.54 21.40 8.81
N THR A 381 16.53 21.56 7.98
CA THR A 381 15.71 22.77 7.98
C THR A 381 15.24 23.14 9.39
N ARG A 382 14.79 22.14 10.14
CA ARG A 382 14.34 22.34 11.51
C ARG A 382 15.48 22.83 12.41
N GLU A 383 16.67 22.27 12.21
CA GLU A 383 17.80 22.66 13.04
C GLU A 383 18.20 24.11 12.75
N LEU A 384 18.16 24.51 11.47
CA LEU A 384 18.55 25.87 11.13
C LEU A 384 17.52 26.83 11.71
N ALA A 385 16.24 26.48 11.61
CA ALA A 385 15.20 27.30 12.22
C ALA A 385 15.46 27.51 13.71
N LYS A 386 15.81 26.43 14.41
CA LYS A 386 16.13 26.53 15.84
C LYS A 386 17.33 27.44 16.10
N MET A 387 18.36 27.34 15.27
CA MET A 387 19.55 28.17 15.46
C MET A 387 19.20 29.65 15.28
N ILE A 388 18.38 29.92 14.28
CA ILE A 388 17.95 31.29 14.00
C ILE A 388 17.14 31.86 15.18
N LYS A 389 16.22 31.06 15.72
CA LYS A 389 15.39 31.53 16.82
C LYS A 389 16.18 31.68 18.12
N ASP A 390 17.12 30.77 18.34
CA ASP A 390 17.96 30.83 19.54
C ASP A 390 18.83 32.09 19.53
N ALA A 391 19.19 32.53 18.32
CA ALA A 391 20.02 33.70 18.15
C ALA A 391 19.20 34.99 18.13
N LYS A 392 17.88 34.85 18.29
CA LYS A 392 16.96 35.98 18.32
C LYS A 392 16.95 36.77 17.02
N ILE A 393 17.23 36.08 15.91
CA ILE A 393 17.22 36.73 14.61
C ILE A 393 15.79 36.86 14.07
N PRO A 394 15.35 38.10 13.80
CA PRO A 394 13.97 38.34 13.37
C PRO A 394 13.72 37.99 11.90
N PHE A 395 13.63 36.69 11.63
CA PHE A 395 13.70 36.17 10.26
C PHE A 395 12.72 36.82 9.30
N ALA A 396 11.46 36.90 9.71
CA ALA A 396 10.41 37.37 8.80
C ALA A 396 10.65 38.83 8.39
N LYS A 397 11.42 39.55 9.21
CA LYS A 397 11.68 40.98 8.99
C LYS A 397 13.00 41.29 8.28
N LEU A 398 13.82 40.27 8.02
CA LEU A 398 15.15 40.50 7.45
C LEU A 398 15.10 40.99 6.02
N GLU A 399 16.10 41.80 5.67
CA GLU A 399 16.29 42.21 4.29
C GLU A 399 16.95 41.09 3.51
N ASP A 400 16.71 41.07 2.20
CA ASP A 400 17.32 40.09 1.32
C ASP A 400 18.77 40.42 1.06
N SER A 401 19.63 39.40 1.13
CA SER A 401 20.99 39.52 0.65
C SER A 401 21.24 38.43 -0.38
N GLU A 402 22.46 38.40 -0.93
CA GLU A 402 22.79 37.46 -1.99
C GLU A 402 23.83 36.46 -1.50
N ALA A 403 23.97 35.35 -2.22
CA ALA A 403 25.04 34.40 -1.92
C ALA A 403 26.36 34.94 -2.43
N ASP A 404 27.44 34.45 -1.86
CA ASP A 404 28.75 34.68 -2.41
C ASP A 404 28.82 33.87 -3.72
N PRO A 405 29.21 34.51 -4.82
CA PRO A 405 28.91 33.91 -6.14
C PRO A 405 29.76 32.70 -6.57
N ALA A 406 31.02 32.61 -6.13
CA ALA A 406 31.95 31.64 -6.69
C ALA A 406 31.45 30.18 -6.60
N MET A 407 30.72 29.85 -5.55
CA MET A 407 30.09 28.54 -5.41
C MET A 407 28.65 28.73 -4.94
N GLY A 408 28.06 29.86 -5.34
CA GLY A 408 26.72 30.22 -4.91
C GLY A 408 25.74 30.49 -6.03
N GLU A 409 26.23 30.72 -7.25
CA GLU A 409 25.34 30.95 -8.38
C GLU A 409 24.67 29.63 -8.70
N TYR A 410 23.41 29.69 -9.15
CA TYR A 410 22.79 28.50 -9.72
C TYR A 410 21.86 28.79 -10.87
N SER A 411 21.73 27.79 -11.73
CA SER A 411 20.77 27.81 -12.83
C SER A 411 19.41 27.30 -12.39
N GLY A 412 18.41 27.54 -13.22
CA GLY A 412 17.08 27.04 -12.94
C GLY A 412 17.00 25.53 -12.94
N ALA A 413 17.91 24.87 -13.65
CA ALA A 413 17.98 23.41 -13.61
C ALA A 413 18.35 22.94 -12.21
N GLY A 414 19.34 23.59 -11.62
CA GLY A 414 19.74 23.26 -10.27
C GLY A 414 18.65 23.55 -9.28
N ALA A 415 17.90 24.63 -9.53
CA ALA A 415 16.87 25.09 -8.60
C ALA A 415 15.76 24.07 -8.37
N ILE A 416 15.43 23.28 -9.40
CA ILE A 416 14.28 22.39 -9.29
C ILE A 416 14.64 20.99 -8.77
N PHE A 417 15.88 20.77 -8.35
CA PHE A 417 16.30 19.47 -7.83
C PHE A 417 15.42 18.95 -6.71
N GLY A 418 14.87 19.87 -5.91
CA GLY A 418 14.13 19.49 -4.71
C GLY A 418 12.75 18.90 -4.94
N ALA A 419 12.32 18.91 -6.20
CA ALA A 419 11.02 18.32 -6.57
C ALA A 419 11.22 17.03 -7.35
N THR A 420 10.33 16.07 -7.12
CA THR A 420 10.35 14.82 -7.86
C THR A 420 10.31 15.12 -9.37
N GLY A 421 11.26 14.55 -10.11
CA GLY A 421 11.37 14.81 -11.53
C GLY A 421 12.30 15.96 -11.86
N GLY A 422 12.74 16.65 -10.82
CA GLY A 422 13.62 17.79 -11.00
C GLY A 422 14.99 17.42 -11.52
N VAL A 423 15.63 16.44 -10.88
CA VAL A 423 16.90 15.94 -11.35
C VAL A 423 16.79 15.46 -12.80
N MET A 424 15.73 14.71 -13.09
CA MET A 424 15.51 14.19 -14.43
C MET A 424 15.45 15.31 -15.47
N GLU A 425 14.60 16.30 -15.22
CA GLU A 425 14.43 17.43 -16.11
C GLU A 425 15.73 18.19 -16.29
N ALA A 426 16.40 18.46 -15.17
CA ALA A 426 17.66 19.18 -15.20
C ALA A 426 18.69 18.45 -16.04
N ALA A 427 18.77 17.12 -15.84
CA ALA A 427 19.76 16.29 -16.51
C ALA A 427 19.49 16.26 -18.00
N LEU A 428 18.22 16.18 -18.37
CA LEU A 428 17.85 16.12 -19.77
C LEU A 428 18.20 17.43 -20.51
N ARG A 429 17.98 18.57 -19.85
CA ARG A 429 18.33 19.85 -20.45
C ARG A 429 19.79 19.91 -20.88
N SER A 430 20.67 19.34 -20.07
CA SER A 430 22.09 19.33 -20.39
C SER A 430 22.46 18.19 -21.32
N ALA A 431 21.93 16.99 -21.07
CA ALA A 431 22.28 15.85 -21.88
C ALA A 431 21.92 16.09 -23.34
N LYS A 432 20.80 16.76 -23.58
CA LYS A 432 20.35 16.94 -24.95
C LYS A 432 21.25 17.93 -25.67
N ASP A 433 21.64 18.99 -24.97
CA ASP A 433 22.57 19.98 -25.53
C ASP A 433 23.92 19.33 -25.81
N PHE A 434 24.42 18.55 -24.84
CA PHE A 434 25.70 17.88 -24.98
C PHE A 434 25.68 16.94 -26.19
N ALA A 435 24.69 16.04 -26.23
CA ALA A 435 24.64 15.00 -27.24
C ALA A 435 24.48 15.54 -28.66
N GLU A 436 23.74 16.63 -28.80
CA GLU A 436 23.44 17.20 -30.11
C GLU A 436 24.35 18.37 -30.47
N ASN A 437 25.30 18.68 -29.57
CA ASN A 437 26.11 19.88 -29.69
C ASN A 437 25.25 21.09 -30.09
N ALA A 438 24.29 21.40 -29.24
CA ALA A 438 23.30 22.42 -29.54
C ALA A 438 22.91 23.23 -28.32
N GLU A 439 22.26 24.35 -28.56
CA GLU A 439 21.67 25.17 -27.51
C GLU A 439 20.18 25.20 -27.74
N LEU A 440 19.51 24.11 -27.39
CA LEU A 440 18.09 23.95 -27.64
C LEU A 440 17.25 24.89 -26.79
N GLU A 441 16.12 25.33 -27.35
CA GLU A 441 15.25 26.29 -26.67
C GLU A 441 14.12 25.64 -25.85
N ASP A 442 13.61 24.51 -26.32
CA ASP A 442 12.55 23.82 -25.59
C ASP A 442 13.18 22.98 -24.49
N ILE A 443 13.03 23.42 -23.26
CA ILE A 443 13.74 22.81 -22.13
C ILE A 443 12.82 22.35 -20.99
N GLU A 444 11.51 22.50 -21.16
CA GLU A 444 10.57 22.14 -20.12
C GLU A 444 10.01 20.73 -20.34
N TYR A 445 10.31 19.83 -19.41
CA TYR A 445 9.88 18.44 -19.50
C TYR A 445 8.75 18.18 -18.52
N LYS A 446 7.54 18.65 -18.85
CA LYS A 446 6.47 18.62 -17.88
C LYS A 446 6.00 17.20 -17.62
N GLN A 447 6.36 16.26 -18.49
CA GLN A 447 5.90 14.88 -18.37
C GLN A 447 6.47 14.19 -17.14
N VAL A 448 7.58 14.70 -16.62
CA VAL A 448 8.25 14.00 -15.53
C VAL A 448 7.98 14.70 -14.21
N ARG A 449 7.20 15.76 -14.26
CA ARG A 449 6.80 16.47 -13.05
C ARG A 449 5.58 15.89 -12.37
N GLY A 450 5.39 16.32 -11.12
CA GLY A 450 4.17 16.02 -10.40
C GLY A 450 4.21 14.81 -9.51
N LEU A 451 3.07 14.52 -8.88
CA LEU A 451 3.05 13.60 -7.75
C LEU A 451 2.67 12.15 -8.07
N ASN A 452 2.46 11.83 -9.34
CA ASN A 452 2.29 10.43 -9.71
C ASN A 452 3.49 9.63 -9.19
N GLY A 453 3.24 8.43 -8.69
CA GLY A 453 4.26 7.62 -8.06
C GLY A 453 5.36 7.12 -8.98
N ILE A 454 4.96 6.77 -10.20
CA ILE A 454 5.87 6.30 -11.23
C ILE A 454 5.52 7.08 -12.47
N LYS A 455 6.53 7.73 -13.06
CA LYS A 455 6.35 8.60 -14.21
C LYS A 455 7.34 8.20 -15.27
N GLU A 456 6.86 8.10 -16.50
CA GLU A 456 7.75 7.78 -17.59
C GLU A 456 7.55 8.72 -18.75
N ALA A 457 8.56 8.77 -19.60
CA ALA A 457 8.53 9.59 -20.79
C ALA A 457 9.49 9.01 -21.81
N GLU A 458 9.15 9.20 -23.08
CA GLU A 458 10.05 8.91 -24.16
C GLU A 458 10.67 10.23 -24.60
N VAL A 459 11.99 10.26 -24.73
CA VAL A 459 12.69 11.47 -25.13
C VAL A 459 13.58 11.22 -26.32
N GLU A 460 13.68 12.22 -27.19
CA GLU A 460 14.48 12.13 -28.40
C GLU A 460 15.82 12.81 -28.15
N ILE A 461 16.90 12.06 -28.27
CA ILE A 461 18.24 12.61 -28.12
C ILE A 461 19.06 12.23 -29.32
N ASN A 462 19.36 13.23 -30.16
CA ASN A 462 20.18 13.01 -31.33
C ASN A 462 19.51 11.99 -32.26
N ASN A 463 18.22 12.21 -32.49
CA ASN A 463 17.43 11.40 -33.41
C ASN A 463 17.46 9.89 -33.13
N ASN A 464 17.60 9.55 -31.85
CA ASN A 464 17.26 8.23 -31.35
C ASN A 464 16.30 8.42 -30.17
N LYS A 465 15.43 7.45 -29.93
CA LYS A 465 14.48 7.58 -28.82
C LYS A 465 14.99 6.85 -27.58
N TYR A 466 14.83 7.48 -26.42
CA TYR A 466 15.21 6.87 -25.15
C TYR A 466 14.07 6.90 -24.17
N ASN A 467 14.07 5.94 -23.27
CA ASN A 467 13.04 5.84 -22.24
C ASN A 467 13.58 6.24 -20.87
N VAL A 468 12.89 7.19 -20.24
CA VAL A 468 13.23 7.60 -18.90
C VAL A 468 12.07 7.31 -17.94
N ALA A 469 12.41 7.09 -16.68
CA ALA A 469 11.41 6.96 -15.64
C ALA A 469 11.82 7.79 -14.41
N VAL A 470 10.81 8.30 -13.73
CA VAL A 470 10.99 8.99 -12.45
C VAL A 470 10.21 8.23 -11.40
N ILE A 471 10.94 7.69 -10.43
CA ILE A 471 10.35 6.96 -9.33
C ILE A 471 10.24 7.89 -8.15
N ASN A 472 9.02 8.06 -7.68
CA ASN A 472 8.66 9.10 -6.74
C ASN A 472 8.23 8.48 -5.42
N GLY A 473 9.22 8.18 -4.56
CA GLY A 473 8.96 7.55 -3.29
C GLY A 473 9.51 6.14 -3.24
N ALA A 474 10.08 5.78 -2.10
CA ALA A 474 10.73 4.48 -1.94
C ALA A 474 9.77 3.31 -2.11
N SER A 475 8.53 3.46 -1.67
CA SER A 475 7.53 2.43 -1.90
C SER A 475 7.31 2.20 -3.41
N ASN A 476 7.44 3.25 -4.20
CA ASN A 476 7.24 3.13 -5.63
C ASN A 476 8.42 2.50 -6.33
N LEU A 477 9.62 2.58 -5.72
CA LEU A 477 10.75 1.85 -6.26
C LEU A 477 10.48 0.35 -6.12
N PHE A 478 10.02 -0.05 -4.95
CA PHE A 478 9.65 -1.45 -4.75
C PHE A 478 8.57 -1.86 -5.75
N LYS A 479 7.58 -1.01 -5.97
CA LYS A 479 6.49 -1.37 -6.88
C LYS A 479 7.04 -1.53 -8.30
N PHE A 480 7.88 -0.58 -8.68
CA PHE A 480 8.49 -0.58 -10.01
C PHE A 480 9.32 -1.84 -10.26
N MET A 481 10.10 -2.26 -9.27
CA MET A 481 10.94 -3.43 -9.42
C MET A 481 10.16 -4.77 -9.26
N LYS A 482 9.40 -4.89 -8.18
CA LYS A 482 8.74 -6.15 -7.85
C LYS A 482 7.68 -6.50 -8.90
N SER A 483 7.07 -5.50 -9.50
CA SER A 483 6.01 -5.72 -10.48
C SER A 483 6.55 -6.09 -11.86
N GLY A 484 7.87 -6.02 -12.02
CA GLY A 484 8.51 -6.24 -13.30
C GLY A 484 8.38 -5.08 -14.28
N MET A 485 7.93 -3.91 -13.80
CA MET A 485 7.76 -2.75 -14.69
C MET A 485 9.07 -2.39 -15.38
N ILE A 486 10.16 -2.65 -14.70
CA ILE A 486 11.48 -2.33 -15.24
C ILE A 486 11.77 -3.15 -16.49
N ASN A 487 10.98 -4.19 -16.74
CA ASN A 487 11.21 -5.06 -17.90
C ASN A 487 10.18 -4.93 -19.01
N GLU A 488 9.24 -3.99 -18.89
CA GLU A 488 8.30 -3.75 -20.00
C GLU A 488 8.99 -3.13 -21.19
N LYS A 489 10.11 -2.44 -20.93
CA LYS A 489 10.88 -1.78 -21.98
C LYS A 489 12.29 -1.54 -21.49
N GLN A 490 13.19 -1.18 -22.40
CA GLN A 490 14.53 -0.80 -21.99
C GLN A 490 14.51 0.64 -21.50
N TYR A 491 14.79 0.81 -20.20
CA TYR A 491 14.98 2.14 -19.64
C TYR A 491 16.45 2.52 -19.74
N HIS A 492 16.70 3.79 -19.98
CA HIS A 492 18.07 4.28 -20.16
C HIS A 492 18.51 5.14 -18.99
N PHE A 493 17.58 5.90 -18.42
CA PHE A 493 17.89 6.82 -17.33
C PHE A 493 16.71 6.89 -16.38
N ILE A 494 16.96 6.57 -15.11
CA ILE A 494 15.92 6.54 -14.09
C ILE A 494 16.29 7.39 -12.87
N GLU A 495 15.44 8.34 -12.53
CA GLU A 495 15.53 9.08 -11.28
C GLU A 495 14.80 8.33 -10.16
N VAL A 496 15.42 8.23 -8.99
CA VAL A 496 14.73 7.72 -7.81
C VAL A 496 14.91 8.68 -6.63
N MET A 497 13.78 9.05 -6.02
CA MET A 497 13.77 9.78 -4.75
C MET A 497 13.05 8.93 -3.71
N ALA A 498 13.60 8.86 -2.51
CA ALA A 498 13.02 8.04 -1.45
C ALA A 498 11.77 8.67 -0.85
N CYS A 499 11.70 10.01 -0.84
CA CYS A 499 10.56 10.71 -0.26
C CYS A 499 9.57 11.11 -1.35
N HIS A 500 8.31 10.73 -1.16
CA HIS A 500 7.29 11.07 -2.14
C HIS A 500 7.12 12.60 -2.21
N GLY A 501 7.19 13.13 -3.42
CA GLY A 501 7.21 14.57 -3.65
C GLY A 501 8.60 15.09 -3.92
N GLY A 502 9.57 14.25 -3.58
CA GLY A 502 10.98 14.63 -3.68
C GLY A 502 11.40 15.28 -2.38
N CYS A 503 12.55 15.94 -2.39
CA CYS A 503 13.16 16.52 -1.20
C CYS A 503 12.32 17.58 -0.50
N VAL A 504 11.38 18.21 -1.20
CA VAL A 504 10.55 19.18 -0.52
C VAL A 504 9.75 18.50 0.59
N ASN A 505 9.61 17.17 0.51
CA ASN A 505 8.93 16.41 1.53
C ASN A 505 9.87 15.54 2.34
N GLY A 506 11.12 16.00 2.50
CA GLY A 506 12.10 15.23 3.24
C GLY A 506 11.90 15.12 4.74
N GLY A 507 12.67 14.22 5.35
CA GLY A 507 12.53 13.90 6.76
C GLY A 507 13.08 14.94 7.72
N GLY A 508 13.76 15.94 7.18
CA GLY A 508 14.29 17.05 7.97
C GLY A 508 13.48 18.33 7.86
N GLN A 509 12.32 18.22 7.22
CA GLN A 509 11.50 19.40 6.95
C GLN A 509 10.63 19.79 8.13
N PRO A 510 10.07 21.01 8.08
CA PRO A 510 9.13 21.41 9.12
C PRO A 510 7.95 20.44 9.24
N HIS A 511 7.58 20.09 10.47
CA HIS A 511 6.35 19.35 10.68
C HIS A 511 5.18 20.22 10.26
N VAL A 512 4.16 19.57 9.71
CA VAL A 512 2.93 20.24 9.34
C VAL A 512 1.80 19.51 10.06
N ASN A 513 0.97 20.25 10.78
CA ASN A 513 -0.07 19.57 11.56
C ASN A 513 -1.12 19.00 10.60
N PRO A 514 -1.73 17.86 10.96
CA PRO A 514 -2.63 17.12 10.06
C PRO A 514 -3.77 17.95 9.44
N LYS A 515 -4.28 18.92 10.19
CA LYS A 515 -5.34 19.76 9.67
C LYS A 515 -4.85 20.63 8.53
N ASP A 516 -3.68 21.25 8.70
CA ASP A 516 -3.10 22.07 7.64
C ASP A 516 -2.84 21.22 6.42
N LEU A 517 -2.50 19.96 6.64
CA LEU A 517 -2.19 19.05 5.55
C LEU A 517 -3.44 18.79 4.71
N GLU A 518 -4.60 18.90 5.34
CA GLU A 518 -5.85 18.72 4.63
C GLU A 518 -6.19 19.95 3.79
N LYS A 519 -5.74 21.11 4.25
CA LYS A 519 -5.98 22.37 3.57
C LYS A 519 -4.99 22.65 2.44
N VAL A 520 -3.74 22.19 2.62
CA VAL A 520 -2.63 22.57 1.77
C VAL A 520 -1.93 21.34 1.21
N ASP A 521 -1.69 21.31 -0.10
CA ASP A 521 -0.90 20.25 -0.71
C ASP A 521 0.56 20.63 -0.52
N ILE A 522 1.14 20.14 0.57
CA ILE A 522 2.46 20.61 0.98
C ILE A 522 3.54 20.31 -0.08
N LYS A 523 3.44 19.16 -0.73
CA LYS A 523 4.41 18.75 -1.73
C LYS A 523 4.37 19.68 -2.92
N LYS A 524 3.18 20.05 -3.38
CA LYS A 524 3.06 20.91 -4.55
C LYS A 524 3.38 22.36 -4.24
N VAL A 525 2.96 22.82 -3.07
CA VAL A 525 3.17 24.21 -2.70
C VAL A 525 4.66 24.47 -2.48
N ARG A 526 5.36 23.56 -1.82
CA ARG A 526 6.80 23.74 -1.65
C ARG A 526 7.52 23.68 -3.00
N ALA A 527 7.14 22.71 -3.84
CA ALA A 527 7.78 22.56 -5.14
C ALA A 527 7.53 23.79 -6.03
N SER A 528 6.38 24.43 -5.84
CA SER A 528 5.99 25.55 -6.69
C SER A 528 7.02 26.68 -6.62
N VAL A 529 7.57 26.89 -5.42
CA VAL A 529 8.63 27.87 -5.21
C VAL A 529 9.83 27.58 -6.10
N LEU A 530 10.21 26.30 -6.22
CA LEU A 530 11.38 25.94 -7.01
C LEU A 530 11.13 26.16 -8.49
N TYR A 531 9.97 25.72 -8.97
CA TYR A 531 9.66 25.85 -10.39
C TYR A 531 9.54 27.32 -10.75
N ASN A 532 9.02 28.12 -9.81
CA ASN A 532 8.93 29.57 -10.03
C ASN A 532 10.31 30.18 -10.21
N GLN A 533 11.28 29.74 -9.41
CA GLN A 533 12.64 30.23 -9.55
C GLN A 533 13.19 29.90 -10.92
N ASP A 534 13.03 28.64 -11.32
CA ASP A 534 13.50 28.18 -12.61
C ASP A 534 12.96 29.05 -13.73
N GLU A 535 11.67 29.37 -13.67
CA GLU A 535 11.01 30.13 -14.72
C GLU A 535 11.57 31.54 -14.87
N HIS A 536 12.05 32.11 -13.77
CA HIS A 536 12.46 33.50 -13.74
C HIS A 536 13.96 33.70 -13.75
N LEU A 537 14.70 32.60 -13.82
CA LEU A 537 16.16 32.67 -13.91
C LEU A 537 16.62 32.81 -15.36
N SER A 538 17.61 33.67 -15.59
CA SER A 538 18.14 33.88 -16.93
C SER A 538 18.78 32.60 -17.45
N LYS A 539 19.58 31.96 -16.60
CA LYS A 539 20.22 30.70 -16.94
C LYS A 539 19.38 29.52 -16.44
N ARG A 540 19.00 28.62 -17.35
CA ARG A 540 18.12 27.52 -16.98
C ARG A 540 18.72 26.14 -17.30
N LYS A 541 20.00 26.13 -17.64
CA LYS A 541 20.73 24.88 -17.87
C LYS A 541 21.97 24.92 -17.01
N SER A 542 22.27 23.79 -16.36
CA SER A 542 23.40 23.74 -15.43
C SER A 542 24.71 24.18 -16.08
N HIS A 543 24.92 23.83 -17.34
CA HIS A 543 26.19 24.11 -18.00
C HIS A 543 26.29 25.57 -18.48
N GLU A 544 25.28 26.39 -18.15
CA GLU A 544 25.33 27.82 -18.45
C GLU A 544 25.56 28.63 -17.18
N ASN A 545 25.76 27.94 -16.07
CA ASN A 545 26.13 28.58 -14.81
C ASN A 545 27.54 29.18 -14.93
N THR A 546 27.63 30.51 -14.92
CA THR A 546 28.91 31.15 -15.26
C THR A 546 30.00 30.85 -14.24
N ALA A 547 29.66 30.81 -12.96
CA ALA A 547 30.64 30.48 -11.93
C ALA A 547 31.10 29.03 -12.06
N LEU A 548 30.18 28.14 -12.41
CA LEU A 548 30.55 26.76 -12.59
C LEU A 548 31.47 26.58 -13.79
N VAL A 549 31.17 27.28 -14.88
CA VAL A 549 31.98 27.19 -16.08
C VAL A 549 33.40 27.64 -15.76
N LYS A 550 33.53 28.72 -14.98
CA LYS A 550 34.85 29.22 -14.60
C LYS A 550 35.59 28.20 -13.75
N MET A 551 34.87 27.57 -12.83
CA MET A 551 35.47 26.54 -11.99
C MET A 551 36.03 25.38 -12.83
N TYR A 552 35.25 24.89 -13.80
CA TYR A 552 35.72 23.80 -14.64
C TYR A 552 36.87 24.21 -15.56
N GLN A 553 36.74 25.40 -16.16
CA GLN A 553 37.80 25.89 -17.04
C GLN A 553 39.12 26.08 -16.30
N ASN A 554 39.05 26.67 -15.11
CA ASN A 554 40.26 27.02 -14.39
C ASN A 554 40.79 25.93 -13.47
N TYR A 555 39.95 24.96 -13.07
CA TYR A 555 40.39 24.00 -12.06
C TYR A 555 40.17 22.51 -12.43
N PHE A 556 38.94 22.11 -12.73
CA PHE A 556 38.67 20.68 -12.89
C PHE A 556 38.92 20.15 -14.30
N GLY A 557 38.82 21.02 -15.30
CA GLY A 557 38.99 20.60 -16.68
C GLY A 557 37.69 20.08 -17.27
N LYS A 558 37.79 19.05 -18.11
CA LYS A 558 36.61 18.50 -18.79
C LYS A 558 35.78 17.62 -17.84
N PRO A 559 34.46 17.87 -17.78
CA PRO A 559 33.64 17.01 -16.93
C PRO A 559 33.71 15.54 -17.35
N GLY A 560 33.59 14.65 -16.38
CA GLY A 560 33.43 13.23 -16.64
C GLY A 560 34.71 12.51 -16.99
N GLU A 561 35.83 13.22 -16.93
CA GLU A 561 37.13 12.60 -17.18
C GLU A 561 38.21 13.31 -16.39
N GLY A 562 39.41 12.76 -16.45
CA GLY A 562 40.57 13.36 -15.81
C GLY A 562 40.34 13.67 -14.34
N ARG A 563 40.69 14.90 -13.97
CA ARG A 563 40.60 15.35 -12.59
C ARG A 563 39.17 15.31 -12.09
N ALA A 564 38.25 15.71 -12.96
CA ALA A 564 36.85 15.76 -12.59
C ALA A 564 36.38 14.37 -12.18
N HIS A 565 36.71 13.36 -12.98
CA HIS A 565 36.27 12.01 -12.67
C HIS A 565 36.94 11.51 -11.41
N GLU A 566 38.23 11.79 -11.29
CA GLU A 566 39.04 11.36 -10.16
C GLU A 566 38.45 11.85 -8.83
N ILE A 567 37.98 13.08 -8.81
CA ILE A 567 37.68 13.78 -7.56
C ILE A 567 36.19 13.89 -7.27
N LEU A 568 35.37 14.01 -8.31
CA LEU A 568 33.98 14.42 -8.14
C LEU A 568 33.02 13.22 -8.23
N HIS A 569 33.58 12.02 -8.30
CA HIS A 569 32.78 10.80 -8.45
C HIS A 569 32.96 9.85 -7.29
N PHE A 570 31.99 8.95 -7.14
CA PHE A 570 31.98 7.98 -6.05
C PHE A 570 31.16 6.79 -6.52
N LYS A 571 31.75 5.60 -6.42
CA LYS A 571 31.08 4.38 -6.86
C LYS A 571 30.75 3.52 -5.66
N TYR A 572 29.53 2.98 -5.64
CA TYR A 572 29.14 2.03 -4.60
C TYR A 572 29.34 0.62 -5.13
N LYS A 573 29.81 -0.28 -4.28
CA LYS A 573 30.09 -1.66 -4.66
C LYS A 573 29.25 -2.63 -3.85
N LYS A 574 28.68 -3.64 -4.51
CA LYS A 574 28.02 -4.72 -3.78
C LYS A 574 29.07 -5.56 -3.10
N SER A 575 28.68 -6.25 -2.03
CA SER A 575 29.60 -7.17 -1.35
C SER A 575 29.90 -8.37 -2.26
N ALA A 576 31.12 -8.88 -2.19
CA ALA A 576 31.47 -10.04 -2.97
C ALA A 576 30.76 -11.26 -2.40
N TRP A 577 30.47 -12.25 -3.26
CA TRP A 577 29.85 -13.50 -2.80
C TRP A 577 30.65 -14.08 -1.63
N SER A 578 29.94 -14.54 -0.60
CA SER A 578 30.57 -15.24 0.52
C SER A 578 29.58 -16.17 1.24
N HIS A 579 30.12 -17.21 1.87
CA HIS A 579 29.30 -18.16 2.64
C HIS A 579 29.91 -18.37 4.04
N PRO A 580 29.09 -18.42 5.09
CA PRO A 580 27.65 -18.21 5.03
C PRO A 580 27.33 -16.73 4.83
N GLN A 581 26.15 -16.44 4.31
CA GLN A 581 25.74 -15.08 4.00
C GLN A 581 25.18 -14.37 5.23
N LYS B 2 -12.97 25.96 -6.46
CA LYS B 2 -12.53 26.18 -7.83
C LYS B 2 -13.72 26.13 -8.80
N THR B 3 -13.54 26.74 -9.97
CA THR B 3 -14.57 26.71 -11.01
C THR B 3 -14.01 26.13 -12.30
N ILE B 4 -14.81 25.29 -12.94
CA ILE B 4 -14.40 24.60 -14.16
C ILE B 4 -15.59 24.49 -15.10
N ILE B 5 -15.30 24.26 -16.37
CA ILE B 5 -16.33 23.97 -17.35
C ILE B 5 -16.04 22.64 -18.02
N ILE B 6 -17.06 21.78 -18.05
CA ILE B 6 -16.94 20.47 -18.66
C ILE B 6 -18.05 20.26 -19.69
N ASN B 7 -17.67 20.23 -20.96
CA ASN B 7 -18.62 20.08 -22.05
C ASN B 7 -19.69 21.16 -21.97
N GLY B 8 -19.24 22.41 -21.84
CA GLY B 8 -20.14 23.54 -21.74
C GLY B 8 -20.58 23.82 -20.33
N VAL B 9 -21.07 22.79 -19.63
CA VAL B 9 -21.62 22.98 -18.28
C VAL B 9 -20.55 23.49 -17.33
N GLN B 10 -20.95 24.39 -16.44
CA GLN B 10 -20.02 24.97 -15.46
C GLN B 10 -20.25 24.37 -14.08
N PHE B 11 -19.16 24.24 -13.32
CA PHE B 11 -19.19 23.61 -12.01
C PHE B 11 -18.36 24.40 -11.01
N ASN B 12 -18.89 24.51 -9.80
CA ASN B 12 -18.18 25.16 -8.71
C ASN B 12 -17.95 24.16 -7.58
N THR B 13 -16.69 23.92 -7.27
CA THR B 13 -16.33 22.87 -6.31
C THR B 13 -15.07 23.17 -5.52
N ASP B 14 -15.02 22.61 -4.32
CA ASP B 14 -13.84 22.66 -3.47
C ASP B 14 -13.11 21.33 -3.50
N GLU B 15 -13.70 20.35 -4.20
CA GLU B 15 -13.14 19.01 -4.31
C GLU B 15 -11.74 19.04 -4.94
N ASP B 16 -10.88 18.15 -4.48
CA ASP B 16 -9.52 18.04 -5.02
C ASP B 16 -9.31 16.68 -5.68
N THR B 17 -10.26 16.28 -6.52
CA THR B 17 -10.19 15.00 -7.21
C THR B 17 -9.66 15.11 -8.65
N THR B 18 -9.54 13.97 -9.29
CA THR B 18 -9.17 13.89 -10.70
C THR B 18 -10.35 14.30 -11.56
N ILE B 19 -10.08 14.61 -12.82
CA ILE B 19 -11.14 14.86 -13.79
C ILE B 19 -12.06 13.66 -13.86
N LEU B 20 -11.47 12.47 -13.90
CA LEU B 20 -12.24 11.24 -14.03
C LEU B 20 -13.24 11.08 -12.91
N LYS B 21 -12.77 11.22 -11.67
CA LYS B 21 -13.64 11.09 -10.50
C LYS B 21 -14.75 12.14 -10.50
N PHE B 22 -14.37 13.39 -10.79
CA PHE B 22 -15.34 14.47 -10.78
C PHE B 22 -16.42 14.20 -11.82
N ALA B 23 -15.99 13.78 -13.00
CA ALA B 23 -16.92 13.47 -14.08
C ALA B 23 -17.86 12.35 -13.68
N ARG B 24 -17.29 11.33 -13.05
CA ARG B 24 -18.05 10.18 -12.62
C ARG B 24 -19.03 10.52 -11.50
N ASP B 25 -18.68 11.49 -10.65
CA ASP B 25 -19.56 11.91 -9.57
C ASP B 25 -20.69 12.81 -10.06
N ASN B 26 -20.44 13.53 -11.16
CA ASN B 26 -21.43 14.45 -11.72
C ASN B 26 -22.09 13.89 -12.98
N ASN B 27 -22.11 12.57 -13.11
CA ASN B 27 -22.77 11.88 -14.21
C ASN B 27 -22.35 12.36 -15.60
N ILE B 28 -21.10 12.82 -15.71
CA ILE B 28 -20.47 13.05 -16.99
C ILE B 28 -19.76 11.77 -17.41
N ASP B 29 -19.88 11.41 -18.68
CA ASP B 29 -19.33 10.13 -19.13
C ASP B 29 -17.90 10.27 -19.64
N ILE B 30 -16.99 9.59 -18.94
CA ILE B 30 -15.62 9.45 -19.40
C ILE B 30 -15.28 7.97 -19.32
N SER B 31 -14.72 7.44 -20.40
CA SER B 31 -14.34 6.03 -20.42
C SER B 31 -13.01 5.85 -19.69
N ALA B 32 -12.77 4.62 -19.26
CA ALA B 32 -11.52 4.30 -18.61
C ALA B 32 -11.33 2.82 -18.80
N LEU B 33 -10.09 2.39 -18.82
CA LEU B 33 -9.82 0.97 -18.94
C LEU B 33 -8.80 0.56 -17.89
N CYS B 34 -7.58 1.11 -17.95
CA CYS B 34 -6.53 0.60 -17.08
C CYS B 34 -6.62 1.15 -15.65
N PHE B 35 -7.46 2.16 -15.44
CA PHE B 35 -7.68 2.66 -14.09
C PHE B 35 -8.61 1.77 -13.27
N LEU B 36 -8.11 1.35 -12.11
CA LEU B 36 -8.84 0.47 -11.18
C LEU B 36 -8.08 0.49 -9.85
N ASN B 37 -8.81 0.38 -8.75
CA ASN B 37 -8.20 0.32 -7.42
C ASN B 37 -7.34 1.55 -7.19
N ASN B 38 -7.83 2.68 -7.70
CA ASN B 38 -7.19 3.99 -7.62
C ASN B 38 -5.77 4.06 -8.16
N CYS B 39 -5.47 3.24 -9.16
CA CYS B 39 -4.24 3.42 -9.92
C CYS B 39 -4.42 3.00 -11.37
N ASN B 40 -3.58 3.57 -12.22
CA ASN B 40 -3.58 3.20 -13.62
C ASN B 40 -2.26 2.56 -13.96
N ASN B 41 -2.10 2.22 -15.23
CA ASN B 41 -0.92 1.50 -15.70
C ASN B 41 0.19 2.50 -15.97
N ASP B 42 1.03 2.76 -14.98
CA ASP B 42 1.89 3.93 -15.05
C ASP B 42 2.88 3.87 -16.21
N ILE B 43 3.30 2.66 -16.58
CA ILE B 43 4.33 2.49 -17.59
C ILE B 43 3.82 2.40 -19.03
N ASN B 44 2.56 2.06 -19.23
CA ASN B 44 1.99 2.21 -20.56
C ASN B 44 0.52 2.53 -20.41
N LYS B 45 0.23 3.77 -20.03
CA LYS B 45 -1.12 4.24 -19.81
C LYS B 45 -1.98 3.93 -21.04
N CYS B 46 -3.19 3.44 -20.81
CA CYS B 46 -4.06 3.06 -21.92
C CYS B 46 -4.59 4.28 -22.68
N GLU B 47 -4.71 5.40 -21.97
CA GLU B 47 -5.19 6.67 -22.53
C GLU B 47 -6.63 6.63 -23.04
N ILE B 48 -7.39 5.63 -22.62
CA ILE B 48 -8.80 5.54 -22.92
C ILE B 48 -9.60 6.63 -22.19
N CYS B 49 -9.06 7.13 -21.08
CA CYS B 49 -9.68 8.21 -20.32
C CYS B 49 -9.30 9.61 -20.84
N THR B 50 -8.84 9.69 -22.08
CA THR B 50 -8.39 10.96 -22.61
C THR B 50 -9.52 11.99 -22.64
N VAL B 51 -9.17 13.20 -22.21
CA VAL B 51 -10.03 14.37 -22.38
C VAL B 51 -9.18 15.52 -22.89
N GLU B 52 -9.85 16.58 -23.36
CA GLU B 52 -9.16 17.78 -23.79
C GLU B 52 -9.26 18.87 -22.75
N VAL B 53 -8.12 19.38 -22.32
CA VAL B 53 -8.08 20.53 -21.43
C VAL B 53 -7.59 21.74 -22.22
N GLU B 54 -8.47 22.70 -22.39
CA GLU B 54 -8.17 23.86 -23.23
C GLU B 54 -6.94 24.60 -22.72
N GLY B 55 -5.99 24.82 -23.61
CA GLY B 55 -4.75 25.50 -23.29
C GLY B 55 -3.63 24.55 -22.94
N THR B 56 -3.97 23.28 -22.72
CA THR B 56 -3.00 22.25 -22.36
C THR B 56 -2.90 21.17 -23.43
N GLY B 57 -4.05 20.68 -23.87
CA GLY B 57 -4.09 19.61 -24.86
C GLY B 57 -4.76 18.35 -24.33
N LEU B 58 -4.40 17.21 -24.90
CA LEU B 58 -4.99 15.94 -24.49
C LEU B 58 -4.32 15.43 -23.23
N VAL B 59 -5.14 15.14 -22.22
CA VAL B 59 -4.65 14.62 -20.94
C VAL B 59 -5.42 13.37 -20.53
N THR B 60 -4.81 12.55 -19.68
CA THR B 60 -5.51 11.39 -19.14
C THR B 60 -6.31 11.81 -17.90
N ALA B 61 -7.62 11.71 -17.99
CA ALA B 61 -8.52 12.17 -16.93
C ALA B 61 -8.33 11.39 -15.62
N CYS B 62 -7.84 10.16 -15.69
CA CYS B 62 -7.84 9.30 -14.51
C CYS B 62 -6.75 9.66 -13.51
N ASP B 63 -5.76 10.44 -13.96
CA ASP B 63 -4.67 10.85 -13.06
C ASP B 63 -4.35 12.34 -13.22
N THR B 64 -5.33 13.11 -13.66
CA THR B 64 -5.17 14.56 -13.84
C THR B 64 -6.15 15.29 -12.93
N LEU B 65 -5.61 16.03 -11.97
CA LEU B 65 -6.44 16.77 -11.00
C LEU B 65 -7.14 17.94 -11.65
N ILE B 66 -8.39 18.18 -11.26
CA ILE B 66 -9.11 19.34 -11.73
C ILE B 66 -8.47 20.59 -11.13
N GLU B 67 -8.55 21.70 -11.86
CA GLU B 67 -7.96 22.96 -11.41
C GLU B 67 -8.92 24.12 -11.64
N ASP B 68 -8.63 25.23 -10.97
CA ASP B 68 -9.44 26.44 -11.14
C ASP B 68 -9.21 27.00 -12.54
N GLY B 69 -10.30 27.24 -13.26
CA GLY B 69 -10.21 27.86 -14.57
C GLY B 69 -10.02 26.85 -15.69
N MET B 70 -10.29 25.59 -15.37
CA MET B 70 -10.13 24.53 -16.34
C MET B 70 -11.37 24.44 -17.21
N ILE B 71 -11.16 24.40 -18.52
CA ILE B 71 -12.25 24.15 -19.46
C ILE B 71 -11.99 22.82 -20.16
N ILE B 72 -12.93 21.90 -20.01
CA ILE B 72 -12.72 20.52 -20.39
C ILE B 72 -13.73 20.04 -21.41
N ASN B 73 -13.23 19.43 -22.47
CA ASN B 73 -14.06 18.79 -23.47
C ASN B 73 -13.76 17.29 -23.48
N THR B 74 -14.77 16.48 -23.19
CA THR B 74 -14.59 15.05 -23.07
C THR B 74 -14.96 14.33 -24.36
N ASN B 75 -15.45 15.08 -25.33
CA ASN B 75 -16.08 14.47 -26.50
C ASN B 75 -15.72 15.16 -27.82
N SER B 76 -14.62 15.89 -27.84
CA SER B 76 -14.18 16.51 -29.08
C SER B 76 -13.78 15.42 -30.08
N ASP B 77 -13.68 15.81 -31.35
CA ASP B 77 -13.27 14.89 -32.39
C ASP B 77 -11.85 14.40 -32.11
N ALA B 78 -11.02 15.30 -31.57
CA ALA B 78 -9.62 14.97 -31.30
C ALA B 78 -9.51 13.93 -30.17
N VAL B 79 -10.38 14.07 -29.18
CA VAL B 79 -10.43 13.13 -28.06
C VAL B 79 -10.87 11.74 -28.55
N ASN B 80 -12.00 11.70 -29.24
CA ASN B 80 -12.55 10.42 -29.71
C ASN B 80 -11.61 9.75 -30.70
N GLU B 81 -10.92 10.55 -31.51
CA GLU B 81 -9.95 10.03 -32.45
C GLU B 81 -8.82 9.32 -31.71
N LYS B 82 -8.35 9.92 -30.62
CA LYS B 82 -7.28 9.35 -29.81
C LYS B 82 -7.73 8.02 -29.20
N ILE B 83 -8.89 8.03 -28.58
CA ILE B 83 -9.41 6.85 -27.88
C ILE B 83 -9.67 5.70 -28.85
N LYS B 84 -10.36 6.01 -29.95
CA LYS B 84 -10.67 5.01 -30.97
C LYS B 84 -9.37 4.35 -31.45
N SER B 85 -8.35 5.17 -31.63
CA SER B 85 -7.05 4.69 -32.10
C SER B 85 -6.41 3.74 -31.08
N ARG B 86 -6.49 4.11 -29.80
CA ARG B 86 -5.90 3.26 -28.76
C ARG B 86 -6.63 1.91 -28.72
N ILE B 87 -7.95 1.96 -28.86
CA ILE B 87 -8.74 0.74 -28.83
C ILE B 87 -8.44 -0.13 -30.06
N SER B 88 -8.22 0.52 -31.20
CA SER B 88 -7.85 -0.16 -32.43
C SER B 88 -6.52 -0.89 -32.26
N GLN B 89 -5.58 -0.24 -31.60
CA GLN B 89 -4.27 -0.83 -31.35
C GLN B 89 -4.40 -2.06 -30.44
N LEU B 90 -5.29 -1.99 -29.46
CA LEU B 90 -5.56 -3.15 -28.61
C LEU B 90 -6.23 -4.27 -29.41
N LEU B 91 -7.12 -3.93 -30.34
CA LEU B 91 -7.72 -4.98 -31.17
C LEU B 91 -6.66 -5.71 -31.97
N ASP B 92 -5.61 -5.00 -32.37
CA ASP B 92 -4.51 -5.62 -33.11
C ASP B 92 -3.77 -6.70 -32.33
N ILE B 93 -3.90 -6.73 -31.01
CA ILE B 93 -3.29 -7.79 -30.20
C ILE B 93 -4.34 -8.63 -29.48
N HIS B 94 -5.58 -8.56 -29.92
CA HIS B 94 -6.69 -9.19 -29.24
C HIS B 94 -7.46 -10.15 -30.14
N GLU B 95 -7.55 -11.41 -29.75
CA GLU B 95 -8.33 -12.40 -30.50
C GLU B 95 -9.80 -12.12 -30.25
N PHE B 96 -10.40 -11.38 -31.16
CA PHE B 96 -11.72 -10.82 -30.96
C PHE B 96 -12.78 -11.82 -31.43
N LYS B 97 -13.05 -12.81 -30.58
CA LYS B 97 -13.96 -13.92 -30.87
C LYS B 97 -14.90 -14.17 -29.69
N CYS B 98 -15.90 -13.30 -29.55
CA CYS B 98 -16.66 -13.24 -28.31
C CYS B 98 -17.65 -14.41 -28.14
N GLY B 99 -18.02 -15.07 -29.23
CA GLY B 99 -19.02 -16.13 -29.18
C GLY B 99 -18.81 -17.16 -28.07
N PRO B 100 -17.66 -17.85 -28.10
CA PRO B 100 -17.33 -18.87 -27.12
C PRO B 100 -16.60 -18.35 -25.87
N CYS B 101 -16.42 -17.04 -25.80
CA CYS B 101 -15.58 -16.46 -24.75
C CYS B 101 -16.29 -16.39 -23.40
N ASN B 102 -15.59 -16.70 -22.31
CA ASN B 102 -16.22 -16.76 -21.00
C ASN B 102 -16.48 -15.39 -20.35
N ARG B 103 -16.17 -14.30 -21.04
CA ARG B 103 -16.54 -12.96 -20.55
C ARG B 103 -17.54 -12.27 -21.48
N ARG B 104 -18.10 -13.05 -22.41
CA ARG B 104 -19.01 -12.54 -23.44
C ARG B 104 -20.08 -11.60 -22.88
N GLU B 105 -20.66 -11.97 -21.73
CA GLU B 105 -21.80 -11.23 -21.17
C GLU B 105 -21.41 -10.03 -20.30
N ASN B 106 -20.15 -9.93 -19.90
CA ASN B 106 -19.75 -8.82 -19.03
C ASN B 106 -18.30 -8.38 -19.25
N CYS B 107 -17.92 -8.23 -20.52
CA CYS B 107 -16.58 -7.79 -20.88
C CYS B 107 -16.45 -6.29 -21.04
N GLU B 108 -15.49 -5.68 -20.33
CA GLU B 108 -15.30 -4.24 -20.44
C GLU B 108 -14.75 -3.85 -21.79
N PHE B 109 -13.94 -4.71 -22.40
CA PHE B 109 -13.26 -4.34 -23.62
C PHE B 109 -14.26 -4.34 -24.76
N LEU B 110 -15.07 -5.39 -24.81
CA LEU B 110 -16.13 -5.47 -25.82
C LEU B 110 -16.97 -4.19 -25.79
N LYS B 111 -17.37 -3.75 -24.60
CA LYS B 111 -18.18 -2.54 -24.48
C LYS B 111 -17.49 -1.29 -25.00
N LEU B 112 -16.17 -1.22 -24.81
CA LEU B 112 -15.43 -0.10 -25.35
C LEU B 112 -15.35 -0.15 -26.86
N VAL B 113 -15.15 -1.35 -27.40
CA VAL B 113 -15.03 -1.52 -28.84
C VAL B 113 -16.33 -1.05 -29.52
N ILE B 114 -17.45 -1.43 -28.92
CA ILE B 114 -18.76 -1.05 -29.45
C ILE B 114 -19.00 0.43 -29.29
N LYS B 115 -18.74 0.96 -28.11
CA LYS B 115 -18.90 2.38 -27.83
C LYS B 115 -18.19 3.27 -28.85
N TYR B 116 -16.97 2.92 -29.24
CA TYR B 116 -16.18 3.77 -30.11
C TYR B 116 -16.10 3.27 -31.57
N LYS B 117 -16.83 2.20 -31.87
CA LYS B 117 -16.81 1.60 -33.20
C LYS B 117 -15.39 1.37 -33.68
N ALA B 118 -14.55 0.85 -32.79
CA ALA B 118 -13.15 0.61 -33.12
C ALA B 118 -13.01 -0.62 -34.00
N ARG B 119 -11.99 -0.59 -34.86
CA ARG B 119 -11.64 -1.72 -35.70
C ARG B 119 -10.16 -1.98 -35.67
N ALA B 120 -9.78 -3.24 -35.76
CA ALA B 120 -8.38 -3.62 -35.89
C ALA B 120 -7.81 -3.11 -37.21
N SER B 121 -6.53 -2.75 -37.21
CA SER B 121 -5.85 -2.46 -38.47
C SER B 121 -5.58 -3.80 -39.16
N LYS B 122 -5.32 -4.81 -38.34
CA LYS B 122 -5.18 -6.18 -38.80
C LYS B 122 -5.75 -7.11 -37.73
N PRO B 123 -6.79 -7.88 -38.07
CA PRO B 123 -7.32 -8.86 -37.09
C PRO B 123 -6.25 -9.79 -36.53
N PHE B 124 -6.24 -9.94 -35.21
CA PHE B 124 -5.34 -10.87 -34.54
C PHE B 124 -6.00 -12.25 -34.49
N LEU B 125 -5.41 -13.19 -35.22
CA LEU B 125 -6.02 -14.49 -35.45
C LEU B 125 -4.98 -15.59 -35.42
N PRO B 126 -4.31 -15.74 -34.26
CA PRO B 126 -3.34 -16.83 -34.11
C PRO B 126 -4.00 -18.17 -34.38
N LYS B 127 -3.35 -19.05 -35.14
CA LYS B 127 -3.96 -20.31 -35.52
C LYS B 127 -3.63 -21.37 -34.49
N ASP B 128 -2.56 -21.14 -33.74
CA ASP B 128 -2.14 -22.04 -32.68
C ASP B 128 -1.99 -21.29 -31.35
N LYS B 129 -3.01 -21.39 -30.50
CA LYS B 129 -3.06 -20.64 -29.23
C LYS B 129 -2.24 -21.25 -28.12
N THR B 130 -1.70 -22.44 -28.32
CA THR B 130 -1.13 -23.17 -27.19
C THR B 130 0.03 -22.42 -26.54
N GLU B 131 0.75 -21.62 -27.33
CA GLU B 131 1.87 -20.84 -26.80
C GLU B 131 1.41 -19.61 -25.99
N TYR B 132 0.15 -19.22 -26.16
CA TYR B 132 -0.41 -18.07 -25.46
C TYR B 132 -1.14 -18.45 -24.18
N VAL B 133 -1.35 -19.76 -24.01
CA VAL B 133 -2.19 -20.27 -22.94
C VAL B 133 -1.36 -20.95 -21.86
N ASP B 134 -1.70 -20.70 -20.59
CA ASP B 134 -1.06 -21.38 -19.47
C ASP B 134 -2.14 -21.95 -18.56
N GLU B 135 -2.29 -23.27 -18.60
CA GLU B 135 -3.27 -23.97 -17.79
C GLU B 135 -2.60 -24.93 -16.80
N ARG B 136 -1.34 -24.66 -16.47
CA ARG B 136 -0.62 -25.53 -15.56
C ARG B 136 -1.10 -25.53 -14.13
N SER B 137 -1.63 -24.38 -13.69
CA SER B 137 -2.02 -24.19 -12.31
C SER B 137 -3.29 -24.97 -11.97
N LYS B 138 -3.39 -25.38 -10.71
CA LYS B 138 -4.61 -26.00 -10.20
C LYS B 138 -5.73 -25.01 -10.01
N SER B 139 -5.41 -23.72 -10.09
CA SER B 139 -6.36 -22.67 -9.69
C SER B 139 -6.58 -21.59 -10.75
N LEU B 140 -5.52 -21.14 -11.40
CA LEU B 140 -5.59 -20.00 -12.32
C LEU B 140 -5.23 -20.43 -13.72
N THR B 141 -5.74 -19.73 -14.72
CA THR B 141 -5.31 -19.96 -16.10
C THR B 141 -5.14 -18.60 -16.78
N VAL B 142 -4.23 -18.56 -17.75
CA VAL B 142 -3.94 -17.37 -18.51
C VAL B 142 -4.16 -17.65 -19.99
N ASP B 143 -4.87 -16.76 -20.67
CA ASP B 143 -4.99 -16.79 -22.13
C ASP B 143 -4.52 -15.45 -22.69
N ARG B 144 -3.26 -15.39 -23.12
CA ARG B 144 -2.68 -14.10 -23.50
C ARG B 144 -3.17 -13.57 -24.85
N THR B 145 -3.93 -14.36 -25.59
CA THR B 145 -4.56 -13.82 -26.80
C THR B 145 -5.63 -12.79 -26.44
N LYS B 146 -6.04 -12.76 -25.17
CA LYS B 146 -7.02 -11.78 -24.70
C LYS B 146 -6.41 -10.62 -23.92
N CYS B 147 -5.14 -10.73 -23.56
CA CYS B 147 -4.55 -9.78 -22.62
C CYS B 147 -4.23 -8.40 -23.24
N LEU B 148 -4.74 -7.36 -22.62
CA LEU B 148 -4.60 -5.98 -23.07
C LEU B 148 -3.34 -5.30 -22.50
N LEU B 149 -2.61 -6.00 -21.65
CA LEU B 149 -1.46 -5.43 -20.95
C LEU B 149 -1.82 -4.14 -20.24
N CYS B 150 -2.99 -4.15 -19.61
CA CYS B 150 -3.51 -3.02 -18.88
C CYS B 150 -2.93 -2.90 -17.47
N GLY B 151 -2.28 -3.94 -16.99
CA GLY B 151 -1.70 -3.94 -15.66
C GLY B 151 -2.62 -3.99 -14.46
N ARG B 152 -3.92 -4.19 -14.66
CA ARG B 152 -4.84 -4.19 -13.53
C ARG B 152 -4.59 -5.38 -12.60
N CYS B 153 -4.19 -6.51 -13.17
CA CYS B 153 -3.90 -7.70 -12.37
C CYS B 153 -2.65 -7.51 -11.54
N VAL B 154 -1.64 -6.92 -12.17
CA VAL B 154 -0.37 -6.63 -11.51
C VAL B 154 -0.59 -5.67 -10.32
N ASN B 155 -1.33 -4.59 -10.59
CA ASN B 155 -1.65 -3.62 -9.55
C ASN B 155 -2.52 -4.24 -8.45
N ALA B 156 -3.48 -5.07 -8.83
CA ALA B 156 -4.40 -5.62 -7.85
C ALA B 156 -3.67 -6.60 -6.94
N CYS B 157 -2.73 -7.35 -7.50
CA CYS B 157 -1.97 -8.33 -6.73
C CYS B 157 -1.14 -7.59 -5.70
N GLY B 158 -0.45 -6.55 -6.15
CA GLY B 158 0.38 -5.76 -5.26
C GLY B 158 -0.43 -5.17 -4.12
N LYS B 159 -1.56 -4.58 -4.45
CA LYS B 159 -2.38 -3.89 -3.44
C LYS B 159 -3.09 -4.86 -2.49
N ASN B 160 -3.66 -5.93 -3.05
CA ASN B 160 -4.44 -6.89 -2.26
C ASN B 160 -3.57 -7.84 -1.44
N THR B 161 -2.43 -8.24 -1.99
CA THR B 161 -1.60 -9.25 -1.32
C THR B 161 -0.19 -8.79 -0.94
N GLU B 162 0.34 -7.81 -1.67
CA GLU B 162 1.73 -7.35 -1.53
C GLU B 162 2.76 -8.45 -1.81
N THR B 163 2.32 -9.51 -2.51
CA THR B 163 3.28 -10.54 -2.92
C THR B 163 3.95 -10.15 -4.23
N TYR B 164 3.25 -9.37 -5.04
CA TYR B 164 3.67 -9.06 -6.39
C TYR B 164 3.97 -10.34 -7.20
N ALA B 165 3.19 -11.39 -6.92
CA ALA B 165 3.35 -12.65 -7.64
C ALA B 165 3.02 -12.52 -9.12
N MET B 166 2.12 -11.59 -9.46
CA MET B 166 1.79 -11.27 -10.85
C MET B 166 2.69 -10.15 -11.34
N LYS B 167 3.44 -10.42 -12.40
CA LYS B 167 4.44 -9.48 -12.88
C LYS B 167 4.32 -9.24 -14.36
N PHE B 168 4.82 -8.09 -14.80
CA PHE B 168 5.18 -7.93 -16.20
C PHE B 168 6.47 -8.72 -16.44
N LEU B 169 6.52 -9.39 -17.57
CA LEU B 169 7.68 -10.18 -17.99
C LEU B 169 8.07 -9.83 -19.41
N ASN B 170 9.35 -9.98 -19.72
CA ASN B 170 9.81 -9.94 -21.09
C ASN B 170 10.05 -11.35 -21.59
N LYS B 171 9.24 -11.76 -22.55
CA LYS B 171 9.32 -13.09 -23.14
C LYS B 171 9.70 -12.96 -24.61
N ASN B 172 10.93 -13.37 -24.93
CA ASN B 172 11.54 -13.13 -26.24
C ASN B 172 11.18 -11.76 -26.83
N GLY B 173 11.57 -10.69 -26.12
CA GLY B 173 11.38 -9.33 -26.60
C GLY B 173 9.95 -8.83 -26.61
N LYS B 174 9.03 -9.64 -26.11
CA LYS B 174 7.60 -9.32 -26.09
C LYS B 174 7.12 -9.22 -24.63
N THR B 175 6.29 -8.22 -24.33
CA THR B 175 5.80 -8.04 -22.97
C THR B 175 4.60 -8.95 -22.71
N ILE B 176 4.64 -9.63 -21.58
CA ILE B 176 3.49 -10.44 -21.14
C ILE B 176 3.29 -10.23 -19.65
N ILE B 177 2.17 -10.71 -19.11
CA ILE B 177 2.09 -10.85 -17.67
C ILE B 177 2.18 -12.32 -17.32
N GLY B 178 2.57 -12.60 -16.08
CA GLY B 178 2.68 -13.95 -15.58
C GLY B 178 3.41 -13.98 -14.27
N ALA B 179 3.71 -15.19 -13.81
CA ALA B 179 4.38 -15.40 -12.55
C ALA B 179 5.89 -15.25 -12.73
N GLU B 180 6.60 -15.18 -11.62
CA GLU B 180 8.06 -15.04 -11.65
C GLU B 180 8.71 -16.03 -12.61
N ASP B 181 9.53 -15.51 -13.52
CA ASP B 181 10.26 -16.31 -14.52
C ASP B 181 9.35 -17.21 -15.34
N GLU B 182 8.08 -16.84 -15.46
CA GLU B 182 7.09 -17.60 -16.21
C GLU B 182 6.89 -19.02 -15.66
N LYS B 183 7.14 -19.17 -14.37
CA LYS B 183 6.83 -20.39 -13.67
C LYS B 183 5.32 -20.57 -13.52
N CYS B 184 4.92 -21.79 -13.22
CA CYS B 184 3.54 -22.04 -12.83
C CYS B 184 3.24 -21.25 -11.56
N PHE B 185 2.10 -20.56 -11.50
CA PHE B 185 1.77 -19.78 -10.31
C PHE B 185 1.89 -20.59 -9.01
N ASP B 186 1.45 -21.86 -9.07
CA ASP B 186 1.42 -22.72 -7.89
C ASP B 186 2.80 -22.89 -7.28
N ASP B 187 3.82 -22.75 -8.13
CA ASP B 187 5.21 -23.00 -7.73
C ASP B 187 5.93 -21.73 -7.31
N THR B 188 5.19 -20.63 -7.20
CA THR B 188 5.74 -19.37 -6.73
C THR B 188 5.10 -18.98 -5.41
N ASN B 189 5.34 -17.75 -4.98
CA ASN B 189 4.82 -17.28 -3.71
C ASN B 189 3.35 -16.87 -3.82
N CYS B 190 2.83 -16.91 -5.05
CA CYS B 190 1.39 -16.71 -5.30
C CYS B 190 0.48 -17.40 -4.30
N LEU B 191 -0.60 -16.73 -3.90
CA LEU B 191 -1.53 -17.29 -2.92
C LEU B 191 -2.71 -18.03 -3.59
N LEU B 192 -2.80 -17.89 -4.92
CA LEU B 192 -3.88 -18.46 -5.74
C LEU B 192 -5.26 -17.90 -5.36
N CYS B 193 -5.24 -16.68 -4.82
CA CYS B 193 -6.43 -15.98 -4.34
C CYS B 193 -7.33 -15.45 -5.44
N GLY B 194 -6.78 -15.35 -6.65
CA GLY B 194 -7.55 -14.88 -7.81
C GLY B 194 -7.98 -13.44 -7.80
N GLN B 195 -7.39 -12.59 -6.97
CA GLN B 195 -7.75 -11.16 -7.03
C GLN B 195 -7.34 -10.56 -8.39
N CYS B 196 -6.35 -11.17 -9.02
CA CYS B 196 -5.94 -10.77 -10.36
C CYS B 196 -7.06 -11.04 -11.38
N ILE B 197 -7.75 -12.18 -11.25
CA ILE B 197 -8.86 -12.50 -12.12
C ILE B 197 -9.94 -11.46 -11.96
N ILE B 198 -10.24 -11.15 -10.71
CA ILE B 198 -11.34 -10.23 -10.38
C ILE B 198 -11.06 -8.85 -10.98
N ALA B 199 -9.78 -8.50 -11.09
CA ALA B 199 -9.42 -7.18 -11.62
C ALA B 199 -9.36 -7.14 -13.15
N CYS B 200 -9.40 -8.31 -13.78
CA CYS B 200 -9.15 -8.38 -15.23
C CYS B 200 -10.40 -7.96 -15.98
N PRO B 201 -10.25 -7.01 -16.93
CA PRO B 201 -11.43 -6.54 -17.68
C PRO B 201 -11.91 -7.49 -18.79
N VAL B 202 -11.11 -8.49 -19.11
CA VAL B 202 -11.39 -9.39 -20.22
C VAL B 202 -11.19 -10.83 -19.77
N ALA B 203 -11.17 -11.76 -20.72
CA ALA B 203 -11.10 -13.17 -20.40
C ALA B 203 -9.65 -13.67 -20.39
N ALA B 204 -8.70 -12.79 -20.09
CA ALA B 204 -7.31 -13.19 -20.11
C ALA B 204 -6.97 -14.05 -18.89
N LEU B 205 -7.48 -13.68 -17.73
CA LEU B 205 -7.31 -14.49 -16.53
C LEU B 205 -8.62 -15.14 -16.15
N SER B 206 -8.54 -16.43 -15.83
CA SER B 206 -9.71 -17.21 -15.48
C SER B 206 -9.38 -18.21 -14.40
N GLU B 207 -10.40 -18.85 -13.86
CA GLU B 207 -10.20 -20.01 -12.97
C GLU B 207 -9.87 -21.25 -13.80
N LYS B 208 -9.15 -22.16 -13.18
CA LYS B 208 -8.90 -23.47 -13.74
C LYS B 208 -10.22 -24.22 -13.72
N SER B 209 -10.74 -24.59 -14.87
CA SER B 209 -12.06 -25.21 -14.91
C SER B 209 -12.14 -26.61 -14.31
N HIS B 210 -13.19 -26.85 -13.52
CA HIS B 210 -13.50 -28.20 -13.02
C HIS B 210 -14.84 -28.65 -13.62
N MET B 211 -15.35 -27.91 -14.59
CA MET B 211 -16.70 -28.17 -15.09
C MET B 211 -16.76 -29.54 -15.78
N ASP B 212 -15.70 -29.96 -16.45
CA ASP B 212 -15.70 -31.28 -17.06
C ASP B 212 -15.68 -32.39 -16.01
N ARG B 213 -14.91 -32.20 -14.94
CA ARG B 213 -14.91 -33.16 -13.83
C ARG B 213 -16.32 -33.41 -13.37
N VAL B 214 -17.06 -32.33 -13.22
CA VAL B 214 -18.38 -32.39 -12.62
C VAL B 214 -19.35 -33.05 -13.60
N LYS B 215 -19.32 -32.61 -14.85
CA LYS B 215 -20.25 -33.15 -15.87
C LYS B 215 -20.03 -34.65 -16.05
N ASN B 216 -18.77 -35.05 -16.11
CA ASN B 216 -18.46 -36.46 -16.25
C ASN B 216 -18.95 -37.29 -15.08
N ALA B 217 -18.83 -36.75 -13.86
CA ALA B 217 -19.31 -37.43 -12.67
C ALA B 217 -20.83 -37.52 -12.72
N LEU B 218 -21.49 -36.43 -13.09
CA LEU B 218 -22.97 -36.42 -13.15
C LEU B 218 -23.49 -37.46 -14.13
N ASN B 219 -22.74 -37.67 -15.20
CA ASN B 219 -23.14 -38.57 -16.27
C ASN B 219 -22.71 -40.00 -16.04
N ALA B 220 -21.81 -40.23 -15.08
CA ALA B 220 -21.34 -41.58 -14.78
C ALA B 220 -22.46 -42.31 -14.03
N PRO B 221 -22.92 -43.45 -14.58
CA PRO B 221 -24.11 -44.02 -13.94
C PRO B 221 -23.90 -44.44 -12.47
N GLU B 222 -22.71 -44.93 -12.14
CA GLU B 222 -22.44 -45.43 -10.79
C GLU B 222 -22.07 -44.34 -9.79
N LYS B 223 -21.78 -43.12 -10.25
CA LYS B 223 -21.38 -42.06 -9.31
C LYS B 223 -22.58 -41.40 -8.66
N HIS B 224 -22.50 -41.26 -7.34
CA HIS B 224 -23.47 -40.50 -6.55
C HIS B 224 -22.86 -39.13 -6.27
N VAL B 225 -23.35 -38.09 -6.94
CA VAL B 225 -22.66 -36.79 -6.87
C VAL B 225 -23.33 -35.88 -5.85
N ILE B 226 -22.57 -35.61 -4.80
CA ILE B 226 -22.91 -34.67 -3.76
C ILE B 226 -22.46 -33.27 -4.18
N VAL B 227 -23.29 -32.26 -3.94
CA VAL B 227 -22.87 -30.88 -4.12
C VAL B 227 -23.14 -30.11 -2.85
N ALA B 228 -22.23 -29.20 -2.50
CA ALA B 228 -22.40 -28.34 -1.34
C ALA B 228 -21.80 -26.98 -1.65
N MET B 229 -22.54 -25.91 -1.38
CA MET B 229 -22.04 -24.58 -1.71
C MET B 229 -21.49 -23.85 -0.48
N ALA B 230 -20.51 -23.00 -0.74
CA ALA B 230 -19.94 -22.12 0.26
C ALA B 230 -20.92 -21.09 0.80
N PRO B 231 -20.65 -20.55 2.01
CA PRO B 231 -21.51 -19.48 2.55
C PRO B 231 -21.79 -18.36 1.52
N SER B 232 -20.74 -17.91 0.85
CA SER B 232 -20.83 -16.69 0.02
C SER B 232 -21.61 -16.86 -1.27
N VAL B 233 -21.77 -18.08 -1.75
CA VAL B 233 -22.40 -18.28 -3.06
C VAL B 233 -23.84 -17.76 -3.07
N ARG B 234 -24.56 -17.99 -1.98
CA ARG B 234 -25.98 -17.63 -1.90
C ARG B 234 -26.20 -16.13 -1.82
N ALA B 235 -25.12 -15.37 -1.59
CA ALA B 235 -25.16 -13.93 -1.46
C ALA B 235 -24.66 -13.24 -2.72
N SER B 236 -24.29 -14.01 -3.75
CA SER B 236 -23.57 -13.44 -4.87
CA SER B 236 -23.57 -13.42 -4.87
C SER B 236 -24.06 -13.90 -6.24
N ILE B 237 -24.45 -15.17 -6.36
CA ILE B 237 -24.64 -15.75 -7.70
C ILE B 237 -25.81 -15.10 -8.44
N GLY B 238 -26.73 -14.52 -7.69
CA GLY B 238 -27.85 -13.82 -8.29
C GLY B 238 -27.44 -12.65 -9.19
N GLU B 239 -26.28 -12.08 -8.88
CA GLU B 239 -25.73 -11.02 -9.71
C GLU B 239 -25.63 -11.42 -11.18
N LEU B 240 -25.40 -12.71 -11.44
CA LEU B 240 -25.13 -13.17 -12.80
C LEU B 240 -26.42 -13.57 -13.51
N PHE B 241 -27.55 -13.43 -12.83
CA PHE B 241 -28.86 -13.76 -13.39
C PHE B 241 -29.78 -12.55 -13.35
N ASN B 242 -29.18 -11.37 -13.44
CA ASN B 242 -29.92 -10.13 -13.58
C ASN B 242 -30.79 -9.81 -12.35
N MET B 243 -30.41 -10.31 -11.17
CA MET B 243 -31.25 -10.13 -9.98
C MET B 243 -30.79 -8.96 -9.12
N GLY B 244 -29.66 -8.36 -9.48
CA GLY B 244 -29.07 -7.26 -8.73
C GLY B 244 -28.14 -7.73 -7.63
N PHE B 245 -27.78 -6.81 -6.74
CA PHE B 245 -26.85 -7.08 -5.63
C PHE B 245 -27.53 -7.32 -4.27
N GLY B 246 -26.93 -8.18 -3.45
CA GLY B 246 -27.38 -8.35 -2.08
C GLY B 246 -28.64 -9.18 -1.95
N VAL B 247 -28.89 -10.03 -2.93
CA VAL B 247 -30.07 -10.87 -2.94
C VAL B 247 -29.73 -12.23 -2.39
N ASP B 248 -30.51 -12.69 -1.44
CA ASP B 248 -30.36 -14.04 -0.91
C ASP B 248 -31.07 -15.06 -1.83
N VAL B 249 -30.30 -15.89 -2.52
CA VAL B 249 -30.89 -16.86 -3.44
C VAL B 249 -30.63 -18.30 -3.06
N THR B 250 -30.46 -18.54 -1.76
CA THR B 250 -30.20 -19.87 -1.22
C THR B 250 -31.16 -20.93 -1.79
N GLY B 251 -32.46 -20.68 -1.64
CA GLY B 251 -33.47 -21.63 -2.04
C GLY B 251 -33.48 -21.94 -3.53
N LYS B 252 -33.26 -20.92 -4.34
CA LYS B 252 -33.18 -21.09 -5.79
C LYS B 252 -31.98 -21.94 -6.18
N ILE B 253 -30.85 -21.75 -5.50
CA ILE B 253 -29.67 -22.55 -5.81
C ILE B 253 -29.94 -24.06 -5.55
N TYR B 254 -30.55 -24.37 -4.42
CA TYR B 254 -30.86 -25.75 -4.07
C TYR B 254 -31.72 -26.36 -5.20
N THR B 255 -32.71 -25.60 -5.66
CA THR B 255 -33.55 -26.07 -6.76
C THR B 255 -32.74 -26.27 -8.03
N ALA B 256 -31.91 -25.30 -8.36
CA ALA B 256 -31.10 -25.35 -9.57
C ALA B 256 -30.17 -26.54 -9.55
N LEU B 257 -29.60 -26.83 -8.38
CA LEU B 257 -28.65 -27.93 -8.29
C LEU B 257 -29.34 -29.27 -8.54
N ARG B 258 -30.54 -29.42 -8.00
CA ARG B 258 -31.34 -30.62 -8.30
C ARG B 258 -31.65 -30.73 -9.79
N GLN B 259 -32.01 -29.62 -10.42
CA GLN B 259 -32.29 -29.62 -11.86
C GLN B 259 -31.04 -29.92 -12.69
N LEU B 260 -29.86 -29.65 -12.14
CA LEU B 260 -28.62 -30.00 -12.82
C LEU B 260 -28.31 -31.50 -12.74
N GLY B 261 -29.00 -32.22 -11.86
CA GLY B 261 -28.85 -33.67 -11.76
C GLY B 261 -28.02 -34.15 -10.59
N PHE B 262 -27.63 -33.23 -9.70
CA PHE B 262 -26.89 -33.64 -8.51
C PHE B 262 -27.77 -34.58 -7.67
N ASP B 263 -27.13 -35.57 -7.09
CA ASP B 263 -27.83 -36.64 -6.40
C ASP B 263 -28.13 -36.33 -4.94
N LYS B 264 -27.36 -35.42 -4.37
CA LYS B 264 -27.59 -35.00 -2.99
C LYS B 264 -27.16 -33.55 -2.81
N ILE B 265 -28.02 -32.76 -2.16
CA ILE B 265 -27.84 -31.34 -1.98
C ILE B 265 -27.51 -31.04 -0.52
N PHE B 266 -26.25 -30.79 -0.25
CA PHE B 266 -25.81 -30.48 1.10
C PHE B 266 -25.32 -29.02 1.13
N ASP B 267 -24.53 -28.63 2.12
CA ASP B 267 -24.15 -27.23 2.25
C ASP B 267 -22.84 -27.17 3.03
N ILE B 268 -21.91 -26.35 2.55
CA ILE B 268 -20.62 -26.21 3.21
C ILE B 268 -20.80 -25.52 4.54
N ASN B 269 -21.90 -24.81 4.73
CA ASN B 269 -22.15 -24.20 6.04
C ASN B 269 -22.26 -25.25 7.13
N PHE B 270 -22.70 -26.46 6.76
CA PHE B 270 -22.66 -27.60 7.67
C PHE B 270 -21.21 -27.93 8.01
N GLY B 271 -20.36 -27.94 7.00
CA GLY B 271 -18.94 -28.10 7.23
C GLY B 271 -18.36 -26.97 8.09
N ALA B 272 -18.86 -25.74 7.94
CA ALA B 272 -18.36 -24.64 8.76
C ALA B 272 -18.67 -24.92 10.24
N ASP B 273 -19.87 -25.43 10.51
CA ASP B 273 -20.23 -25.75 11.88
C ASP B 273 -19.30 -26.85 12.42
N MET B 274 -18.92 -27.80 11.57
CA MET B 274 -17.97 -28.87 11.94
C MET B 274 -16.60 -28.27 12.30
N THR B 275 -16.11 -27.40 11.43
CA THR B 275 -14.85 -26.71 11.67
C THR B 275 -14.88 -26.00 13.00
N ILE B 276 -15.98 -25.32 13.30
CA ILE B 276 -16.11 -24.67 14.61
C ILE B 276 -16.14 -25.67 15.76
N MET B 277 -16.85 -26.79 15.61
CA MET B 277 -16.81 -27.83 16.64
C MET B 277 -15.38 -28.18 16.96
N GLU B 278 -14.58 -28.46 15.93
CA GLU B 278 -13.18 -28.83 16.15
C GLU B 278 -12.30 -27.65 16.60
N GLU B 279 -12.45 -26.49 15.97
CA GLU B 279 -11.58 -25.37 16.27
C GLU B 279 -11.84 -24.75 17.64
N ALA B 280 -13.10 -24.64 18.03
CA ALA B 280 -13.45 -24.09 19.34
C ALA B 280 -12.94 -25.02 20.45
N THR B 281 -13.10 -26.32 20.23
CA THR B 281 -12.55 -27.33 21.13
C THR B 281 -11.02 -27.17 21.23
N GLU B 282 -10.35 -26.99 20.10
CA GLU B 282 -8.90 -26.85 20.09
C GLU B 282 -8.47 -25.56 20.80
N LEU B 283 -9.24 -24.49 20.63
CA LEU B 283 -8.90 -23.24 21.32
C LEU B 283 -8.96 -23.41 22.84
N VAL B 284 -9.99 -24.08 23.31
CA VAL B 284 -10.15 -24.35 24.74
C VAL B 284 -9.03 -25.26 25.24
N GLN B 285 -8.64 -26.25 24.44
CA GLN B 285 -7.48 -27.09 24.76
C GLN B 285 -6.20 -26.24 24.88
N ARG B 286 -6.00 -25.30 23.96
CA ARG B 286 -4.76 -24.52 23.98
C ARG B 286 -4.74 -23.59 25.18
N ILE B 287 -5.92 -23.08 25.55
CA ILE B 287 -6.01 -22.30 26.77
C ILE B 287 -5.58 -23.16 27.95
N GLU B 288 -6.09 -24.37 28.02
CA GLU B 288 -5.73 -25.30 29.10
C GLU B 288 -4.24 -25.67 29.09
N ASN B 289 -3.63 -25.63 27.91
CA ASN B 289 -2.23 -26.06 27.70
C ASN B 289 -1.22 -24.93 27.68
N ASN B 290 -1.70 -23.71 27.87
CA ASN B 290 -0.91 -22.49 27.69
C ASN B 290 -0.27 -22.40 26.32
N GLY B 291 -0.99 -22.80 25.29
CA GLY B 291 -0.52 -22.63 23.93
C GLY B 291 -0.61 -23.89 23.11
N PRO B 292 0.04 -23.91 21.95
CA PRO B 292 0.85 -22.80 21.41
C PRO B 292 0.00 -21.60 20.97
N PHE B 293 0.40 -20.41 21.41
CA PHE B 293 -0.27 -19.16 21.01
C PHE B 293 0.64 -18.32 20.12
N PRO B 294 0.04 -17.55 19.21
CA PRO B 294 -1.38 -17.53 18.92
C PRO B 294 -1.80 -18.77 18.15
N MET B 295 -3.08 -19.12 18.25
CA MET B 295 -3.68 -20.06 17.31
C MET B 295 -4.22 -19.28 16.12
N PHE B 296 -3.81 -19.65 14.91
CA PHE B 296 -4.33 -19.04 13.68
C PHE B 296 -5.37 -19.93 13.07
N THR B 297 -6.41 -19.34 12.46
CA THR B 297 -7.35 -20.12 11.70
C THR B 297 -6.61 -20.75 10.54
N SER B 298 -7.19 -21.78 9.93
CA SER B 298 -6.52 -22.49 8.86
C SER B 298 -7.48 -22.78 7.72
N CYS B 299 -8.66 -22.15 7.74
CA CYS B 299 -9.70 -22.43 6.75
C CYS B 299 -9.53 -21.71 5.41
N CYS B 300 -8.67 -20.69 5.35
CA CYS B 300 -8.36 -19.97 4.10
C CYS B 300 -7.10 -20.49 3.46
N PRO B 301 -7.21 -21.18 2.31
CA PRO B 301 -6.03 -21.77 1.66
C PRO B 301 -5.08 -20.71 1.09
N GLY B 302 -5.57 -19.51 0.82
CA GLY B 302 -4.68 -18.45 0.41
C GLY B 302 -3.71 -18.06 1.52
N TRP B 303 -4.27 -17.94 2.73
CA TRP B 303 -3.50 -17.68 3.94
C TRP B 303 -2.58 -18.86 4.26
N VAL B 304 -3.07 -20.09 4.15
CA VAL B 304 -2.17 -21.23 4.35
C VAL B 304 -0.97 -21.15 3.41
N ARG B 305 -1.18 -20.82 2.15
CA ARG B 305 -0.07 -20.64 1.23
C ARG B 305 0.80 -19.46 1.65
N GLN B 306 0.20 -18.38 2.13
CA GLN B 306 0.99 -17.23 2.56
C GLN B 306 1.88 -17.64 3.74
N ALA B 307 1.30 -18.38 4.68
CA ALA B 307 2.12 -18.88 5.81
C ALA B 307 3.22 -19.82 5.34
N GLU B 308 2.89 -20.78 4.48
CA GLU B 308 3.91 -21.69 3.96
C GLU B 308 5.04 -20.93 3.26
N ASN B 309 4.68 -19.92 2.47
CA ASN B 309 5.62 -19.23 1.61
C ASN B 309 6.43 -18.15 2.34
N TYR B 310 5.85 -17.55 3.39
CA TYR B 310 6.48 -16.39 4.03
C TYR B 310 6.70 -16.52 5.54
N TYR B 311 5.92 -17.38 6.19
CA TYR B 311 5.91 -17.51 7.65
C TYR B 311 5.80 -18.97 8.08
N PRO B 312 6.70 -19.82 7.55
CA PRO B 312 6.63 -21.26 7.81
C PRO B 312 6.73 -21.58 9.31
N GLU B 313 7.37 -20.71 10.08
CA GLU B 313 7.41 -20.88 11.53
C GLU B 313 6.03 -20.79 12.20
N LEU B 314 5.01 -20.29 11.51
CA LEU B 314 3.68 -20.22 12.09
C LEU B 314 2.84 -21.49 11.81
N LEU B 315 3.32 -22.38 10.94
CA LEU B 315 2.48 -23.49 10.52
C LEU B 315 2.08 -24.37 11.71
N ASN B 316 2.95 -24.51 12.71
CA ASN B 316 2.60 -25.29 13.88
C ASN B 316 1.51 -24.63 14.72
N ASN B 317 1.37 -23.32 14.57
CA ASN B 317 0.37 -22.57 15.31
C ASN B 317 -1.01 -22.58 14.65
N LEU B 318 -1.09 -22.98 13.39
CA LEU B 318 -2.39 -23.06 12.73
C LEU B 318 -3.28 -24.07 13.42
N SER B 319 -4.57 -23.78 13.46
CA SER B 319 -5.60 -24.74 13.85
C SER B 319 -5.47 -26.02 13.02
N SER B 320 -5.53 -27.19 13.66
CA SER B 320 -5.41 -28.43 12.93
C SER B 320 -6.74 -28.87 12.31
N ALA B 321 -7.84 -28.19 12.65
CA ALA B 321 -9.12 -28.54 12.07
C ALA B 321 -9.06 -28.34 10.55
N LYS B 322 -9.65 -29.25 9.80
CA LYS B 322 -9.75 -29.05 8.35
C LYS B 322 -10.69 -27.88 8.06
N SER B 323 -10.52 -27.27 6.90
CA SER B 323 -11.41 -26.20 6.47
C SER B 323 -12.81 -26.75 6.26
N PRO B 324 -13.82 -25.88 6.28
CA PRO B 324 -15.19 -26.35 6.05
C PRO B 324 -15.31 -27.25 4.82
N GLN B 325 -14.63 -26.87 3.74
CA GLN B 325 -14.65 -27.64 2.50
C GLN B 325 -14.08 -29.05 2.72
N GLN B 326 -12.87 -29.11 3.26
CA GLN B 326 -12.18 -30.39 3.37
C GLN B 326 -12.75 -31.26 4.49
N ILE B 327 -13.26 -30.63 5.54
CA ILE B 327 -13.79 -31.35 6.68
C ILE B 327 -15.14 -31.95 6.26
N PHE B 328 -15.89 -31.17 5.49
CA PHE B 328 -17.11 -31.67 4.89
C PHE B 328 -16.83 -32.86 3.97
N GLY B 329 -15.83 -32.68 3.13
CA GLY B 329 -15.43 -33.69 2.16
C GLY B 329 -15.05 -34.98 2.84
N THR B 330 -14.24 -34.88 3.89
CA THR B 330 -13.86 -36.07 4.63
C THR B 330 -15.07 -36.81 5.17
N ALA B 331 -15.99 -36.08 5.79
CA ALA B 331 -17.19 -36.68 6.33
C ALA B 331 -18.10 -37.25 5.23
N SER B 332 -18.01 -36.71 4.03
CA SER B 332 -18.86 -37.15 2.94
C SER B 332 -18.47 -38.55 2.45
N LYS B 333 -17.25 -38.97 2.77
CA LYS B 333 -16.72 -40.26 2.33
C LYS B 333 -16.73 -41.30 3.45
N THR B 334 -17.15 -40.88 4.64
CA THR B 334 -17.08 -41.73 5.82
C THR B 334 -18.44 -41.80 6.50
N TYR B 335 -18.82 -40.70 7.15
CA TYR B 335 -20.13 -40.58 7.77
C TYR B 335 -21.28 -40.74 6.79
N TYR B 336 -21.20 -40.10 5.64
CA TYR B 336 -22.35 -40.09 4.76
C TYR B 336 -22.65 -41.52 4.23
N PRO B 337 -21.64 -42.28 3.78
CA PRO B 337 -21.95 -43.68 3.42
C PRO B 337 -22.56 -44.48 4.59
N SER B 338 -22.15 -44.18 5.81
CA SER B 338 -22.65 -44.90 6.99
C SER B 338 -24.14 -44.63 7.27
N ILE B 339 -24.71 -43.55 6.74
CA ILE B 339 -26.13 -43.26 6.92
C ILE B 339 -26.94 -43.35 5.62
N SER B 340 -26.32 -43.84 4.55
CA SER B 340 -26.96 -43.87 3.22
C SER B 340 -26.90 -45.24 2.52
N GLY B 341 -25.86 -46.02 2.82
CA GLY B 341 -25.63 -47.28 2.15
C GLY B 341 -24.76 -47.13 0.92
N LEU B 342 -24.36 -45.92 0.59
CA LEU B 342 -23.53 -45.72 -0.58
C LEU B 342 -22.18 -46.39 -0.40
N ASP B 343 -21.68 -46.98 -1.48
CA ASP B 343 -20.28 -47.41 -1.51
C ASP B 343 -19.44 -46.14 -1.53
N PRO B 344 -18.53 -45.97 -0.55
CA PRO B 344 -17.73 -44.73 -0.50
C PRO B 344 -16.99 -44.41 -1.79
N LYS B 345 -16.52 -45.42 -2.52
CA LYS B 345 -15.80 -45.21 -3.77
C LYS B 345 -16.66 -44.55 -4.84
N ASN B 346 -17.97 -44.66 -4.73
CA ASN B 346 -18.88 -44.12 -5.73
C ASN B 346 -19.38 -42.73 -5.40
N VAL B 347 -19.04 -42.24 -4.20
CA VAL B 347 -19.41 -40.88 -3.82
C VAL B 347 -18.42 -39.93 -4.49
N PHE B 348 -18.95 -38.90 -5.15
CA PHE B 348 -18.14 -37.88 -5.81
C PHE B 348 -18.59 -36.55 -5.23
N THR B 349 -17.69 -35.83 -4.55
CA THR B 349 -18.14 -34.67 -3.77
C THR B 349 -17.67 -33.41 -4.45
N VAL B 350 -18.63 -32.54 -4.74
CA VAL B 350 -18.39 -31.31 -5.47
C VAL B 350 -18.72 -30.11 -4.58
N THR B 351 -17.81 -29.14 -4.50
CA THR B 351 -18.18 -27.89 -3.85
C THR B 351 -18.30 -26.76 -4.84
N VAL B 352 -19.11 -25.79 -4.45
CA VAL B 352 -19.24 -24.54 -5.17
C VAL B 352 -18.68 -23.45 -4.26
N MET B 353 -17.61 -22.81 -4.73
CA MET B 353 -16.86 -21.85 -3.92
C MET B 353 -16.72 -20.47 -4.56
N PRO B 354 -16.58 -19.41 -3.75
CA PRO B 354 -16.27 -18.06 -4.23
C PRO B 354 -14.80 -17.86 -4.51
N CYS B 355 -14.09 -18.97 -4.69
CA CYS B 355 -12.66 -19.00 -4.41
C CYS B 355 -11.92 -19.84 -5.43
N THR B 356 -10.77 -19.35 -5.92
CA THR B 356 -9.92 -20.15 -6.79
C THR B 356 -8.91 -20.98 -6.00
N SER B 357 -8.50 -20.49 -4.83
CA SER B 357 -7.50 -21.20 -4.04
CA SER B 357 -7.51 -21.19 -4.03
C SER B 357 -8.06 -22.53 -3.50
N LYS B 358 -9.39 -22.63 -3.34
CA LYS B 358 -10.02 -23.87 -2.91
C LYS B 358 -9.79 -25.03 -3.89
N LYS B 359 -9.57 -24.73 -5.17
CA LYS B 359 -9.25 -25.78 -6.13
C LYS B 359 -7.90 -26.41 -5.78
N PHE B 360 -6.95 -25.56 -5.40
CA PHE B 360 -5.65 -26.03 -4.99
C PHE B 360 -5.74 -26.84 -3.70
N GLU B 361 -6.50 -26.34 -2.75
CA GLU B 361 -6.68 -27.06 -1.49
C GLU B 361 -7.27 -28.45 -1.71
N ALA B 362 -8.30 -28.53 -2.53
CA ALA B 362 -8.98 -29.79 -2.77
C ALA B 362 -8.08 -30.80 -3.49
N ASP B 363 -7.13 -30.30 -4.27
CA ASP B 363 -6.22 -31.18 -5.00
C ASP B 363 -4.89 -31.42 -4.25
N ARG B 364 -4.78 -30.99 -2.99
CA ARG B 364 -3.57 -31.30 -2.20
C ARG B 364 -3.43 -32.83 -2.02
N PRO B 365 -2.24 -33.37 -2.30
CA PRO B 365 -2.02 -34.83 -2.23
C PRO B 365 -2.58 -35.49 -0.98
N GLN B 366 -2.31 -34.89 0.17
CA GLN B 366 -2.68 -35.51 1.44
C GLN B 366 -4.15 -35.33 1.83
N MET B 367 -4.91 -34.58 1.03
CA MET B 367 -6.33 -34.36 1.33
C MET B 367 -7.20 -35.53 0.83
N GLU B 368 -6.92 -36.69 1.41
CA GLU B 368 -7.62 -37.92 1.08
C GLU B 368 -7.41 -38.94 2.18
N LYS B 369 -8.17 -40.02 2.13
CA LYS B 369 -8.08 -41.09 3.11
C LYS B 369 -8.52 -42.38 2.41
N ASP B 370 -7.72 -43.44 2.59
CA ASP B 370 -8.02 -44.75 1.98
C ASP B 370 -8.31 -44.65 0.49
N GLY B 371 -7.56 -43.81 -0.20
CA GLY B 371 -7.71 -43.66 -1.65
C GLY B 371 -8.87 -42.76 -2.06
N LEU B 372 -9.59 -42.23 -1.08
CA LEU B 372 -10.76 -41.40 -1.39
C LEU B 372 -10.47 -39.93 -1.13
N ARG B 373 -10.52 -39.12 -2.19
CA ARG B 373 -10.37 -37.67 -2.06
C ARG B 373 -11.44 -37.11 -1.13
N ASP B 374 -11.07 -36.15 -0.28
CA ASP B 374 -12.08 -35.46 0.52
C ASP B 374 -13.05 -34.81 -0.46
N ILE B 375 -12.48 -34.13 -1.43
CA ILE B 375 -13.23 -33.32 -2.39
C ILE B 375 -12.76 -33.64 -3.78
N ASP B 376 -13.69 -33.98 -4.65
CA ASP B 376 -13.35 -34.45 -5.99
C ASP B 376 -13.33 -33.33 -7.04
N ALA B 377 -14.14 -32.30 -6.81
CA ALA B 377 -14.19 -31.16 -7.71
C ALA B 377 -14.65 -29.91 -6.96
N VAL B 378 -14.13 -28.77 -7.41
CA VAL B 378 -14.50 -27.46 -6.93
C VAL B 378 -14.82 -26.55 -8.11
N ILE B 379 -16.05 -26.05 -8.15
CA ILE B 379 -16.40 -25.08 -9.18
C ILE B 379 -16.67 -23.74 -8.52
N THR B 380 -16.26 -22.69 -9.20
CA THR B 380 -16.49 -21.36 -8.70
C THR B 380 -17.93 -20.93 -8.87
N THR B 381 -18.29 -19.87 -8.18
CA THR B 381 -19.58 -19.21 -8.39
C THR B 381 -19.84 -18.96 -9.87
N ARG B 382 -18.82 -18.47 -10.57
CA ARG B 382 -18.94 -18.18 -11.99
C ARG B 382 -19.18 -19.46 -12.78
N GLU B 383 -18.48 -20.54 -12.42
CA GLU B 383 -18.64 -21.80 -13.12
C GLU B 383 -20.05 -22.36 -12.91
N LEU B 384 -20.57 -22.27 -11.69
CA LEU B 384 -21.94 -22.78 -11.45
C LEU B 384 -22.95 -21.98 -12.28
N ALA B 385 -22.78 -20.66 -12.33
CA ALA B 385 -23.69 -19.81 -13.11
C ALA B 385 -23.68 -20.27 -14.56
N LYS B 386 -22.50 -20.57 -15.10
CA LYS B 386 -22.40 -21.02 -16.48
C LYS B 386 -23.09 -22.38 -16.66
N MET B 387 -22.89 -23.30 -15.71
CA MET B 387 -23.53 -24.60 -15.81
C MET B 387 -25.05 -24.46 -15.79
N ILE B 388 -25.55 -23.58 -14.93
CA ILE B 388 -27.00 -23.35 -14.85
C ILE B 388 -27.55 -22.77 -16.16
N LYS B 389 -26.84 -21.79 -16.71
CA LYS B 389 -27.22 -21.19 -17.99
C LYS B 389 -27.15 -22.21 -19.14
N ASP B 390 -26.09 -22.99 -19.20
CA ASP B 390 -25.96 -24.01 -20.25
C ASP B 390 -27.10 -25.01 -20.20
N ALA B 391 -27.58 -25.29 -18.99
CA ALA B 391 -28.65 -26.26 -18.78
C ALA B 391 -30.04 -25.69 -19.05
N LYS B 392 -30.09 -24.43 -19.44
CA LYS B 392 -31.36 -23.72 -19.68
C LYS B 392 -32.32 -23.78 -18.49
N ILE B 393 -31.74 -23.72 -17.29
CA ILE B 393 -32.48 -23.62 -16.05
C ILE B 393 -32.85 -22.17 -15.77
N PRO B 394 -34.15 -21.87 -15.60
CA PRO B 394 -34.59 -20.47 -15.43
C PRO B 394 -34.39 -19.96 -14.00
N PHE B 395 -33.14 -19.71 -13.64
CA PHE B 395 -32.75 -19.49 -12.25
C PHE B 395 -33.63 -18.50 -11.50
N ALA B 396 -33.83 -17.32 -12.09
CA ALA B 396 -34.54 -16.23 -11.41
C ALA B 396 -36.03 -16.53 -11.24
N LYS B 397 -36.51 -17.57 -11.91
CA LYS B 397 -37.93 -17.96 -11.84
C LYS B 397 -38.16 -19.16 -10.93
N LEU B 398 -37.10 -19.75 -10.40
CA LEU B 398 -37.25 -21.00 -9.68
C LEU B 398 -37.90 -20.83 -8.31
N GLU B 399 -38.61 -21.88 -7.90
CA GLU B 399 -39.16 -21.94 -6.56
C GLU B 399 -38.04 -22.32 -5.58
N ASP B 400 -38.19 -21.94 -4.32
CA ASP B 400 -37.25 -22.31 -3.28
C ASP B 400 -37.42 -23.77 -2.93
N SER B 401 -36.31 -24.45 -2.69
CA SER B 401 -36.34 -25.76 -2.08
C SER B 401 -35.33 -25.75 -0.93
N GLU B 402 -35.22 -26.89 -0.26
CA GLU B 402 -34.39 -27.03 0.93
C GLU B 402 -33.25 -27.97 0.63
N ALA B 403 -32.19 -27.88 1.41
CA ALA B 403 -31.13 -28.86 1.30
C ALA B 403 -31.56 -30.16 1.97
N ASP B 404 -30.87 -31.24 1.60
CA ASP B 404 -31.02 -32.50 2.31
C ASP B 404 -30.36 -32.29 3.68
N PRO B 405 -31.10 -32.58 4.76
CA PRO B 405 -30.69 -32.09 6.08
C PRO B 405 -29.45 -32.74 6.71
N ALA B 406 -29.14 -33.99 6.37
CA ALA B 406 -28.14 -34.76 7.13
C ALA B 406 -26.77 -34.10 7.16
N MET B 407 -26.40 -33.44 6.06
CA MET B 407 -25.17 -32.64 6.01
C MET B 407 -25.49 -31.30 5.36
N GLY B 408 -26.72 -30.83 5.56
CA GLY B 408 -27.21 -29.61 4.96
C GLY B 408 -27.71 -28.55 5.92
N GLU B 409 -28.13 -28.94 7.13
CA GLU B 409 -28.52 -27.97 8.15
C GLU B 409 -27.32 -27.10 8.49
N TYR B 410 -27.57 -25.83 8.80
CA TYR B 410 -26.50 -25.00 9.34
C TYR B 410 -27.02 -23.97 10.33
N SER B 411 -26.13 -23.62 11.27
CA SER B 411 -26.40 -22.58 12.24
C SER B 411 -26.03 -21.21 11.69
N GLY B 412 -26.47 -20.17 12.37
CA GLY B 412 -26.09 -18.81 12.02
C GLY B 412 -24.60 -18.58 12.13
N ALA B 413 -23.92 -19.33 12.99
CA ALA B 413 -22.48 -19.19 13.14
C ALA B 413 -21.77 -19.64 11.85
N GLY B 414 -22.20 -20.75 11.29
CA GLY B 414 -21.64 -21.21 10.04
C GLY B 414 -21.99 -20.24 8.92
N ALA B 415 -23.18 -19.66 8.98
CA ALA B 415 -23.66 -18.82 7.88
C ALA B 415 -22.77 -17.59 7.64
N ILE B 416 -22.11 -17.09 8.68
CA ILE B 416 -21.37 -15.86 8.55
C ILE B 416 -19.91 -16.06 8.20
N PHE B 417 -19.51 -17.31 7.99
CA PHE B 417 -18.10 -17.63 7.65
C PHE B 417 -17.55 -16.81 6.50
N GLY B 418 -18.40 -16.53 5.52
CA GLY B 418 -17.99 -15.84 4.31
C GLY B 418 -17.63 -14.37 4.45
N ALA B 419 -17.80 -13.78 5.63
CA ALA B 419 -17.46 -12.39 5.87
C ALA B 419 -16.24 -12.33 6.76
N THR B 420 -15.41 -11.33 6.54
CA THR B 420 -14.24 -11.13 7.41
C THR B 420 -14.71 -10.96 8.85
N GLY B 421 -14.15 -11.79 9.74
CA GLY B 421 -14.52 -11.78 11.15
C GLY B 421 -15.61 -12.78 11.49
N GLY B 422 -16.15 -13.41 10.46
CA GLY B 422 -17.18 -14.39 10.64
C GLY B 422 -16.69 -15.63 11.36
N VAL B 423 -15.55 -16.17 10.93
CA VAL B 423 -14.99 -17.36 11.58
C VAL B 423 -14.73 -17.04 13.05
N MET B 424 -14.14 -15.88 13.31
CA MET B 424 -13.81 -15.45 14.67
C MET B 424 -15.07 -15.40 15.53
N GLU B 425 -16.10 -14.72 15.05
CA GLU B 425 -17.34 -14.65 15.80
C GLU B 425 -17.96 -16.03 16.04
N ALA B 426 -18.01 -16.85 15.00
CA ALA B 426 -18.59 -18.20 15.09
C ALA B 426 -17.84 -19.02 16.15
N ALA B 427 -16.52 -18.91 16.11
CA ALA B 427 -15.64 -19.69 16.98
C ALA B 427 -15.79 -19.27 18.44
N LEU B 428 -15.92 -17.97 18.68
CA LEU B 428 -16.06 -17.48 20.03
C LEU B 428 -17.39 -17.89 20.64
N ARG B 429 -18.45 -17.91 19.83
CA ARG B 429 -19.74 -18.36 20.31
C ARG B 429 -19.68 -19.78 20.90
N SER B 430 -18.90 -20.64 20.28
CA SER B 430 -18.80 -22.00 20.75
C SER B 430 -17.74 -22.14 21.82
N ALA B 431 -16.60 -21.47 21.66
CA ALA B 431 -15.49 -21.62 22.63
C ALA B 431 -15.89 -21.14 24.02
N LYS B 432 -16.64 -20.04 24.08
CA LYS B 432 -17.06 -19.50 25.37
C LYS B 432 -18.05 -20.44 26.06
N ASP B 433 -19.02 -20.95 25.31
CA ASP B 433 -19.94 -21.95 25.85
C ASP B 433 -19.19 -23.20 26.31
N PHE B 434 -18.24 -23.69 25.51
CA PHE B 434 -17.49 -24.89 25.86
C PHE B 434 -16.66 -24.67 27.13
N ALA B 435 -15.93 -23.56 27.18
CA ALA B 435 -15.02 -23.30 28.30
C ALA B 435 -15.77 -23.07 29.61
N GLU B 436 -16.94 -22.46 29.53
CA GLU B 436 -17.71 -22.09 30.72
C GLU B 436 -18.82 -23.10 30.99
N ASN B 437 -18.85 -24.15 30.18
CA ASN B 437 -19.93 -25.14 30.21
C ASN B 437 -21.29 -24.51 30.41
N ALA B 438 -21.60 -23.52 29.58
CA ALA B 438 -22.84 -22.76 29.69
C ALA B 438 -23.47 -22.56 28.33
N GLU B 439 -24.65 -21.96 28.34
CA GLU B 439 -25.38 -21.63 27.12
C GLU B 439 -25.64 -20.13 27.14
N LEU B 440 -24.66 -19.36 26.71
CA LEU B 440 -24.73 -17.91 26.87
C LEU B 440 -25.65 -17.28 25.85
N GLU B 441 -26.36 -16.26 26.27
CA GLU B 441 -27.31 -15.55 25.42
C GLU B 441 -26.65 -14.46 24.57
N ASP B 442 -25.56 -13.87 25.06
CA ASP B 442 -24.91 -12.79 24.31
C ASP B 442 -23.90 -13.39 23.36
N ILE B 443 -24.18 -13.31 22.06
CA ILE B 443 -23.39 -14.03 21.07
C ILE B 443 -22.94 -13.17 19.90
N GLU B 444 -23.26 -11.89 19.90
CA GLU B 444 -22.84 -11.02 18.82
C GLU B 444 -21.52 -10.33 19.16
N TYR B 445 -20.54 -10.50 18.28
CA TYR B 445 -19.21 -9.93 18.47
C TYR B 445 -18.96 -8.88 17.41
N LYS B 446 -19.67 -7.76 17.50
CA LYS B 446 -19.63 -6.77 16.43
C LYS B 446 -18.25 -6.13 16.28
N GLN B 447 -17.44 -6.18 17.34
CA GLN B 447 -16.10 -5.61 17.27
C GLN B 447 -15.18 -6.28 16.24
N VAL B 448 -15.45 -7.52 15.84
CA VAL B 448 -14.57 -8.17 14.88
C VAL B 448 -15.12 -8.09 13.45
N ARG B 449 -16.24 -7.40 13.29
CA ARG B 449 -16.90 -7.28 11.99
C ARG B 449 -16.40 -6.07 11.18
N GLY B 450 -16.73 -6.05 9.89
CA GLY B 450 -16.47 -4.88 9.06
C GLY B 450 -15.15 -4.90 8.31
N LEU B 451 -14.90 -3.83 7.57
CA LEU B 451 -13.84 -3.83 6.57
C LEU B 451 -12.53 -3.22 7.02
N ASN B 452 -12.38 -2.88 8.30
CA ASN B 452 -11.06 -2.46 8.76
C ASN B 452 -10.08 -3.61 8.54
N GLY B 453 -8.85 -3.27 8.17
CA GLY B 453 -7.91 -4.29 7.73
C GLY B 453 -7.38 -5.18 8.85
N ILE B 454 -7.27 -4.60 10.04
CA ILE B 454 -6.79 -5.32 11.22
C ILE B 454 -7.72 -4.93 12.35
N LYS B 455 -8.39 -5.92 12.91
CA LYS B 455 -9.39 -5.71 13.93
C LYS B 455 -8.98 -6.55 15.13
N GLU B 456 -9.09 -5.98 16.33
CA GLU B 456 -8.76 -6.72 17.52
C GLU B 456 -9.85 -6.56 18.56
N ALA B 457 -9.84 -7.46 19.53
CA ALA B 457 -10.80 -7.42 20.60
C ALA B 457 -10.25 -8.21 21.79
N GLU B 458 -10.66 -7.80 22.98
CA GLU B 458 -10.39 -8.54 24.19
C GLU B 458 -11.67 -9.28 24.53
N VAL B 459 -11.57 -10.59 24.75
CA VAL B 459 -12.74 -11.39 25.06
C VAL B 459 -12.52 -12.07 26.41
N GLU B 460 -13.59 -12.16 27.19
CA GLU B 460 -13.51 -12.82 28.49
C GLU B 460 -14.05 -14.23 28.38
N ILE B 461 -13.21 -15.19 28.73
CA ILE B 461 -13.59 -16.60 28.77
C ILE B 461 -13.19 -17.16 30.13
N ASN B 462 -14.19 -17.60 30.89
CA ASN B 462 -13.95 -18.12 32.23
C ASN B 462 -13.23 -17.12 33.13
N ASN B 463 -13.70 -15.87 33.10
CA ASN B 463 -13.12 -14.80 33.91
C ASN B 463 -11.61 -14.60 33.70
N ASN B 464 -11.11 -15.05 32.55
CA ASN B 464 -9.78 -14.68 32.07
C ASN B 464 -9.92 -13.87 30.79
N LYS B 465 -9.02 -12.92 30.57
CA LYS B 465 -9.05 -12.11 29.35
C LYS B 465 -8.13 -12.70 28.28
N TYR B 466 -8.62 -12.74 27.04
CA TYR B 466 -7.83 -13.23 25.93
C TYR B 466 -7.89 -12.19 24.81
N ASN B 467 -6.81 -12.13 24.05
CA ASN B 467 -6.71 -11.22 22.91
C ASN B 467 -6.90 -11.95 21.60
N VAL B 468 -7.79 -11.42 20.77
CA VAL B 468 -8.01 -11.96 19.45
C VAL B 468 -7.81 -10.87 18.42
N ALA B 469 -7.49 -11.30 17.21
CA ALA B 469 -7.36 -10.39 16.09
C ALA B 469 -7.97 -11.01 14.85
N VAL B 470 -8.50 -10.14 13.99
CA VAL B 470 -8.98 -10.54 12.68
C VAL B 470 -8.20 -9.76 11.64
N ILE B 471 -7.49 -10.50 10.82
CA ILE B 471 -6.70 -9.97 9.74
C ILE B 471 -7.50 -10.14 8.47
N ASN B 472 -7.80 -9.01 7.86
CA ASN B 472 -8.71 -8.90 6.73
C ASN B 472 -7.95 -8.54 5.46
N GLY B 473 -7.43 -9.57 4.80
CA GLY B 473 -6.71 -9.44 3.54
C GLY B 473 -5.24 -9.74 3.68
N ALA B 474 -4.68 -10.39 2.66
CA ALA B 474 -3.28 -10.85 2.72
C ALA B 474 -2.29 -9.70 2.93
N SER B 475 -2.54 -8.54 2.33
CA SER B 475 -1.65 -7.39 2.55
C SER B 475 -1.61 -6.97 4.02
N ASN B 476 -2.73 -7.13 4.70
CA ASN B 476 -2.80 -6.80 6.12
C ASN B 476 -2.15 -7.82 7.03
N LEU B 477 -2.06 -9.06 6.58
CA LEU B 477 -1.24 -10.04 7.30
C LEU B 477 0.21 -9.57 7.31
N PHE B 478 0.71 -9.20 6.14
CA PHE B 478 2.07 -8.70 6.02
C PHE B 478 2.24 -7.47 6.92
N LYS B 479 1.30 -6.53 6.88
CA LYS B 479 1.39 -5.35 7.75
C LYS B 479 1.43 -5.74 9.24
N PHE B 480 0.54 -6.62 9.65
CA PHE B 480 0.45 -7.07 11.03
C PHE B 480 1.76 -7.68 11.52
N MET B 481 2.39 -8.48 10.67
CA MET B 481 3.64 -9.16 11.02
C MET B 481 4.86 -8.24 10.92
N LYS B 482 4.99 -7.57 9.79
CA LYS B 482 6.18 -6.78 9.51
C LYS B 482 6.30 -5.56 10.42
N SER B 483 5.16 -5.01 10.81
CA SER B 483 5.11 -3.84 11.67
C SER B 483 5.39 -4.18 13.14
N GLY B 484 5.35 -5.47 13.45
CA GLY B 484 5.54 -5.94 14.81
C GLY B 484 4.28 -5.85 15.64
N MET B 485 3.14 -5.62 15.02
CA MET B 485 1.89 -5.54 15.78
C MET B 485 1.64 -6.83 16.54
N ILE B 486 2.09 -7.93 15.93
CA ILE B 486 1.99 -9.26 16.51
C ILE B 486 2.68 -9.31 17.90
N ASN B 487 3.63 -8.42 18.15
CA ASN B 487 4.36 -8.45 19.43
C ASN B 487 3.95 -7.40 20.46
N GLU B 488 2.91 -6.61 20.19
CA GLU B 488 2.44 -5.61 21.16
C GLU B 488 1.74 -6.23 22.36
N LYS B 489 1.22 -7.43 22.17
CA LYS B 489 0.57 -8.15 23.24
C LYS B 489 0.58 -9.64 22.90
N GLN B 490 0.11 -10.47 23.82
CA GLN B 490 0.02 -11.89 23.54
C GLN B 490 -1.32 -12.11 22.87
N TYR B 491 -1.29 -12.47 21.60
CA TYR B 491 -2.52 -12.88 20.92
C TYR B 491 -2.77 -14.34 21.14
N HIS B 492 -4.03 -14.68 21.35
CA HIS B 492 -4.41 -16.07 21.58
C HIS B 492 -5.08 -16.71 20.39
N PHE B 493 -5.86 -15.93 19.65
CA PHE B 493 -6.59 -16.49 18.53
C PHE B 493 -6.69 -15.43 17.43
N ILE B 494 -6.18 -15.78 16.25
CA ILE B 494 -6.18 -14.88 15.11
C ILE B 494 -6.81 -15.50 13.85
N GLU B 495 -7.83 -14.83 13.32
CA GLU B 495 -8.40 -15.17 12.01
C GLU B 495 -7.62 -14.45 10.94
N VAL B 496 -7.28 -15.16 9.86
CA VAL B 496 -6.69 -14.56 8.67
C VAL B 496 -7.50 -14.98 7.43
N MET B 497 -7.90 -13.97 6.65
CA MET B 497 -8.48 -14.17 5.31
C MET B 497 -7.60 -13.48 4.27
N ALA B 498 -7.34 -14.15 3.15
CA ALA B 498 -6.49 -13.60 2.11
C ALA B 498 -7.18 -12.50 1.30
N CYS B 499 -8.50 -12.60 1.16
CA CYS B 499 -9.23 -11.64 0.35
C CYS B 499 -9.86 -10.59 1.23
N HIS B 500 -9.63 -9.31 0.90
CA HIS B 500 -10.19 -8.26 1.74
C HIS B 500 -11.72 -8.28 1.65
N GLY B 501 -12.37 -8.31 2.80
CA GLY B 501 -13.81 -8.51 2.88
C GLY B 501 -14.19 -9.93 3.27
N GLY B 502 -13.22 -10.84 3.15
CA GLY B 502 -13.44 -12.26 3.36
C GLY B 502 -13.91 -12.91 2.06
N CYS B 503 -14.42 -14.12 2.13
CA CYS B 503 -14.72 -14.91 0.94
C CYS B 503 -15.79 -14.27 0.06
N VAL B 504 -16.63 -13.39 0.62
CA VAL B 504 -17.61 -12.71 -0.22
C VAL B 504 -16.91 -11.93 -1.34
N ASN B 505 -15.64 -11.58 -1.15
CA ASN B 505 -14.83 -10.92 -2.17
C ASN B 505 -13.79 -11.86 -2.80
N GLY B 506 -14.07 -13.15 -2.81
CA GLY B 506 -13.13 -14.12 -3.36
C GLY B 506 -12.91 -14.07 -4.87
N GLY B 507 -11.88 -14.81 -5.29
CA GLY B 507 -11.38 -14.75 -6.65
C GLY B 507 -12.22 -15.54 -7.64
N GLY B 508 -13.21 -16.28 -7.13
CA GLY B 508 -14.13 -17.03 -7.98
C GLY B 508 -15.49 -16.39 -8.10
N GLN B 509 -15.64 -15.20 -7.55
CA GLN B 509 -16.91 -14.47 -7.53
C GLN B 509 -17.25 -13.79 -8.86
N PRO B 510 -18.51 -13.41 -9.02
CA PRO B 510 -18.90 -12.67 -10.22
C PRO B 510 -18.08 -11.40 -10.37
N HIS B 511 -17.62 -11.13 -11.60
CA HIS B 511 -17.01 -9.86 -11.90
C HIS B 511 -18.04 -8.77 -11.70
N VAL B 512 -17.56 -7.61 -11.26
CA VAL B 512 -18.40 -6.43 -11.14
C VAL B 512 -17.75 -5.30 -11.94
N ASN B 513 -18.55 -4.64 -12.79
CA ASN B 513 -18.04 -3.55 -13.59
C ASN B 513 -17.54 -2.41 -12.68
N PRO B 514 -16.37 -1.82 -13.00
CA PRO B 514 -15.84 -0.73 -12.17
C PRO B 514 -16.86 0.39 -11.90
N LYS B 515 -17.80 0.62 -12.82
CA LYS B 515 -18.82 1.64 -12.60
C LYS B 515 -19.75 1.24 -11.47
N ASP B 516 -20.16 -0.02 -11.48
CA ASP B 516 -21.05 -0.56 -10.45
C ASP B 516 -20.34 -0.57 -9.10
N LEU B 517 -19.03 -0.77 -9.12
CA LEU B 517 -18.25 -0.81 -7.89
C LEU B 517 -18.26 0.55 -7.21
N GLU B 518 -18.54 1.60 -7.97
CA GLU B 518 -18.58 2.95 -7.41
C GLU B 518 -19.93 3.26 -6.80
N LYS B 519 -20.94 2.49 -7.17
CA LYS B 519 -22.29 2.65 -6.66
C LYS B 519 -22.67 1.64 -5.58
N VAL B 520 -21.99 0.50 -5.56
CA VAL B 520 -22.30 -0.58 -4.62
C VAL B 520 -21.05 -0.97 -3.82
N ASP B 521 -21.16 -1.07 -2.50
CA ASP B 521 -20.07 -1.62 -1.69
C ASP B 521 -20.25 -3.13 -1.70
N ILE B 522 -19.60 -3.78 -2.65
CA ILE B 522 -19.85 -5.19 -2.91
C ILE B 522 -19.51 -6.05 -1.68
N LYS B 523 -18.44 -5.71 -0.98
CA LYS B 523 -18.05 -6.46 0.23
C LYS B 523 -19.12 -6.41 1.32
N LYS B 524 -19.70 -5.24 1.54
CA LYS B 524 -20.73 -5.09 2.58
C LYS B 524 -22.05 -5.69 2.18
N VAL B 525 -22.43 -5.46 0.93
CA VAL B 525 -23.73 -5.89 0.47
C VAL B 525 -23.81 -7.42 0.42
N ARG B 526 -22.75 -8.05 -0.05
CA ARG B 526 -22.72 -9.50 -0.05
C ARG B 526 -22.70 -10.02 1.40
N ALA B 527 -21.85 -9.45 2.26
CA ALA B 527 -21.79 -9.89 3.66
C ALA B 527 -23.14 -9.72 4.39
N SER B 528 -23.89 -8.68 4.05
CA SER B 528 -25.15 -8.42 4.75
C SER B 528 -26.15 -9.58 4.61
N VAL B 529 -26.10 -10.28 3.49
CA VAL B 529 -26.95 -11.45 3.28
C VAL B 529 -26.65 -12.50 4.35
N LEU B 530 -25.37 -12.66 4.63
CA LEU B 530 -24.93 -13.68 5.56
C LEU B 530 -25.32 -13.31 6.99
N TYR B 531 -25.05 -12.08 7.40
CA TYR B 531 -25.43 -11.65 8.73
C TYR B 531 -26.96 -11.67 8.90
N ASN B 532 -27.69 -11.36 7.83
CA ASN B 532 -29.15 -11.43 7.91
C ASN B 532 -29.62 -12.87 8.15
N GLN B 533 -28.97 -13.85 7.53
CA GLN B 533 -29.34 -15.24 7.76
C GLN B 533 -29.11 -15.59 9.22
N ASP B 534 -27.96 -15.21 9.75
CA ASP B 534 -27.61 -15.47 11.13
C ASP B 534 -28.69 -14.92 12.07
N GLU B 535 -29.09 -13.69 11.81
CA GLU B 535 -30.06 -13.01 12.66
C GLU B 535 -31.42 -13.68 12.65
N HIS B 536 -31.73 -14.42 11.58
CA HIS B 536 -33.05 -15.03 11.46
C HIS B 536 -33.09 -16.53 11.78
N LEU B 537 -31.93 -17.16 11.95
CA LEU B 537 -31.89 -18.59 12.22
C LEU B 537 -32.15 -18.88 13.68
N SER B 538 -32.84 -19.97 13.96
CA SER B 538 -33.15 -20.35 15.34
C SER B 538 -31.88 -20.78 16.06
N LYS B 539 -31.04 -21.55 15.37
CA LYS B 539 -29.75 -21.97 15.94
C LYS B 539 -28.66 -21.01 15.45
N ARG B 540 -27.95 -20.39 16.38
CA ARG B 540 -26.93 -19.41 16.03
C ARG B 540 -25.56 -19.82 16.58
N LYS B 541 -25.46 -21.07 17.02
CA LYS B 541 -24.19 -21.65 17.45
C LYS B 541 -23.96 -22.98 16.74
N SER B 542 -22.73 -23.21 16.29
CA SER B 542 -22.40 -24.40 15.53
C SER B 542 -22.75 -25.68 16.26
N HIS B 543 -22.57 -25.69 17.58
CA HIS B 543 -22.80 -26.90 18.35
C HIS B 543 -24.28 -27.11 18.68
N GLU B 544 -25.16 -26.23 18.18
CA GLU B 544 -26.60 -26.44 18.31
C GLU B 544 -27.25 -26.89 17.01
N ASN B 545 -26.44 -27.04 15.97
CA ASN B 545 -26.86 -27.64 14.70
C ASN B 545 -27.29 -29.08 14.95
N THR B 546 -28.58 -29.37 14.83
CA THR B 546 -29.08 -30.67 15.28
C THR B 546 -28.56 -31.84 14.44
N ALA B 547 -28.50 -31.66 13.13
CA ALA B 547 -27.90 -32.67 12.26
C ALA B 547 -26.45 -32.91 12.59
N LEU B 548 -25.71 -31.84 12.88
CA LEU B 548 -24.33 -31.99 13.27
C LEU B 548 -24.20 -32.78 14.58
N VAL B 549 -25.04 -32.45 15.55
CA VAL B 549 -25.00 -33.14 16.83
C VAL B 549 -25.24 -34.64 16.64
N LYS B 550 -26.20 -34.99 15.81
CA LYS B 550 -26.46 -36.40 15.53
C LYS B 550 -25.25 -37.09 14.92
N MET B 551 -24.58 -36.42 14.00
CA MET B 551 -23.38 -36.96 13.37
C MET B 551 -22.27 -37.23 14.39
N TYR B 552 -22.07 -36.31 15.33
CA TYR B 552 -21.03 -36.50 16.33
C TYR B 552 -21.47 -37.58 17.31
N GLN B 553 -22.72 -37.54 17.72
CA GLN B 553 -23.23 -38.55 18.65
C GLN B 553 -23.19 -39.97 18.07
N ASN B 554 -23.49 -40.10 16.79
CA ASN B 554 -23.61 -41.42 16.17
C ASN B 554 -22.36 -41.93 15.47
N TYR B 555 -21.44 -41.04 15.11
CA TYR B 555 -20.33 -41.46 14.27
C TYR B 555 -18.97 -40.96 14.77
N PHE B 556 -18.83 -39.66 15.03
CA PHE B 556 -17.50 -39.13 15.32
C PHE B 556 -17.09 -39.13 16.79
N GLY B 557 -18.05 -39.13 17.70
CA GLY B 557 -17.76 -39.04 19.13
C GLY B 557 -17.53 -37.59 19.52
N LYS B 558 -16.64 -37.38 20.49
CA LYS B 558 -16.35 -36.04 20.98
C LYS B 558 -15.46 -35.28 20.01
N PRO B 559 -15.74 -33.99 19.78
CA PRO B 559 -14.83 -33.22 18.94
C PRO B 559 -13.43 -33.12 19.54
N GLY B 560 -12.42 -33.10 18.68
CA GLY B 560 -11.05 -32.82 19.09
C GLY B 560 -10.36 -34.01 19.73
N GLU B 561 -11.01 -35.17 19.68
CA GLU B 561 -10.46 -36.39 20.26
C GLU B 561 -10.85 -37.58 19.40
N GLY B 562 -10.21 -38.71 19.65
CA GLY B 562 -10.60 -39.97 19.03
C GLY B 562 -10.74 -39.90 17.52
N ARG B 563 -11.82 -40.46 17.02
CA ARG B 563 -12.07 -40.52 15.58
C ARG B 563 -12.06 -39.13 14.94
N ALA B 564 -12.66 -38.17 15.64
CA ALA B 564 -12.77 -36.81 15.12
C ALA B 564 -11.39 -36.24 14.91
N HIS B 565 -10.50 -36.41 15.89
CA HIS B 565 -9.17 -35.89 15.71
C HIS B 565 -8.41 -36.67 14.64
N GLU B 566 -8.69 -37.96 14.53
CA GLU B 566 -7.95 -38.79 13.57
C GLU B 566 -8.25 -38.40 12.13
N ILE B 567 -9.50 -38.14 11.80
CA ILE B 567 -9.82 -37.95 10.39
C ILE B 567 -10.27 -36.53 10.00
N LEU B 568 -10.73 -35.73 10.96
CA LEU B 568 -11.18 -34.37 10.61
C LEU B 568 -10.10 -33.27 10.73
N HIS B 569 -8.88 -33.65 11.09
CA HIS B 569 -7.79 -32.68 11.24
C HIS B 569 -6.72 -32.88 10.20
N PHE B 570 -5.84 -31.91 10.09
CA PHE B 570 -4.79 -31.89 9.10
C PHE B 570 -3.63 -31.07 9.67
N LYS B 571 -2.45 -31.66 9.62
CA LYS B 571 -1.24 -30.99 10.08
C LYS B 571 -0.58 -30.28 8.92
N TYR B 572 -0.69 -28.97 8.94
CA TYR B 572 -0.31 -28.15 7.81
C TYR B 572 1.18 -27.95 7.76
N LYS B 573 1.89 -28.40 8.79
CA LYS B 573 3.34 -28.24 8.84
C LYS B 573 4.04 -29.44 8.20
N LYS B 574 3.86 -30.62 8.80
CA LYS B 574 4.51 -31.82 8.29
C LYS B 574 4.05 -32.10 6.85
N SER B 575 2.77 -31.88 6.58
CA SER B 575 2.25 -31.86 5.21
C SER B 575 2.21 -30.43 4.71
N ALA B 576 2.94 -30.13 3.63
CA ALA B 576 2.99 -28.77 3.10
C ALA B 576 3.52 -28.78 1.67
N TRP B 577 3.17 -27.72 0.94
CA TRP B 577 3.49 -27.60 -0.47
C TRP B 577 4.93 -27.11 -0.68
FE1 SF4 C . 16.74 12.93 1.38
FE2 SF4 C . 14.19 12.29 0.86
FE3 SF4 C . 16.16 11.41 -0.72
FE4 SF4 C . 15.59 14.06 -0.71
S1 SF4 C . 14.19 12.37 -1.40
S2 SF4 C . 17.65 13.11 -0.59
S3 SF4 C . 15.00 14.38 1.39
S4 SF4 C . 15.83 10.83 1.41
FE1 SF4 D . 12.51 5.93 6.68
FE2 SF4 D . 11.25 3.80 7.87
FE3 SF4 D . 12.00 5.94 9.37
FE4 SF4 D . 13.83 4.20 8.41
S1 SF4 D . 12.27 3.74 9.93
S2 SF4 D . 13.96 6.50 8.40
S3 SF4 D . 12.93 3.66 6.39
S4 SF4 D . 10.46 5.96 7.68
FE1 SF4 E . 6.16 9.29 17.63
FE2 SF4 E . 3.85 7.83 17.85
FE3 SF4 E . 6.03 7.19 19.38
FE4 SF4 E . 6.08 6.73 16.72
S1 SF4 E . 4.67 5.76 18.21
S2 SF4 E . 7.75 7.68 17.98
S3 SF4 E . 4.87 8.48 15.91
S4 SF4 E . 4.84 9.13 19.46
FE1 SF4 F . 5.69 16.43 25.32
FE2 SF4 F . 4.95 17.99 23.29
FE3 SF4 F . 7.49 18.10 24.15
FE4 SF4 F . 5.52 19.11 25.69
S1 SF4 F . 6.17 19.87 23.68
S2 SF4 F . 7.21 17.75 26.39
S3 SF4 F . 3.82 17.69 25.20
S4 SF4 F . 6.47 16.31 23.19
FE1 FES G . -9.14 7.39 16.14
FE2 FES G . -6.74 7.18 17.33
S1 FES G . -8.40 5.74 17.39
S2 FES G . -7.55 8.90 16.21
O1 4WV H . 18.34 15.14 -5.18
C1 4WV H . 17.25 16.14 -5.29
C2 4WV H . 18.21 14.39 -3.88
C3 4WV H . 18.14 16.92 -0.32
C4 4WV H . 17.02 18.80 -1.81
C5 4WV H . 19.42 18.28 -1.90
C6 4WV H . 21.67 16.99 -2.77
C7 4WV H . 20.34 18.89 -4.30
O7 4WV H . 20.72 19.81 -4.93
FE2 4WV H . 19.92 17.41 -3.47
O5 4WV H . 20.02 19.11 -1.29
N6 4WV H . 22.63 16.65 -2.24
S1 4WV H . 17.80 17.59 -4.27
S2 4WV H . 19.18 15.38 -2.58
FE1 4WV H . 17.84 17.17 -2.01
O3 4WV H . 18.26 16.58 0.85
N4 4WV H . 16.47 19.88 -1.70
MG MG I . 33.97 31.74 13.32
MG MG J . -7.56 1.18 11.44
C1 GOL K . 38.02 18.06 8.49
O1 GOL K . 37.30 18.04 7.28
C2 GOL K . 38.44 19.48 8.89
O2 GOL K . 39.44 19.90 8.01
C3 GOL K . 37.27 20.45 8.85
O3 GOL K . 37.62 21.78 9.20
H11 GOL K . 37.41 17.63 9.27
H12 GOL K . 38.92 17.44 8.39
HO1 GOL K . 37.12 17.11 7.03
H2 GOL K . 38.83 19.45 9.91
HO2 GOL K . 39.08 19.93 7.10
H31 GOL K . 36.84 20.45 7.84
H32 GOL K . 36.50 20.10 9.53
HO3 GOL K . 37.88 22.28 8.38
FE1 SF4 L . -10.52 -18.20 -0.76
FE2 SF4 L . -10.26 -15.55 -0.44
FE3 SF4 L . -9.33 -17.24 1.42
FE4 SF4 L . -12.00 -16.99 1.10
S1 SF4 L . -10.59 -15.37 1.79
S2 SF4 L . -10.83 -18.94 1.31
S3 SF4 L . -12.15 -16.65 -1.13
S4 SF4 L . -8.55 -17.07 -0.65
FE1 SF4 M . -3.51 -13.63 -5.75
FE2 SF4 M . -1.42 -12.23 -6.84
FE3 SF4 M . -3.24 -13.39 -8.46
FE4 SF4 M . -1.47 -14.90 -7.11
S1 SF4 M . -0.99 -13.46 -8.72
S2 SF4 M . -3.68 -15.30 -7.34
S3 SF4 M . -1.30 -13.70 -5.14
S4 SF4 M . -3.65 -11.72 -6.99
FE1 SF4 N . -6.13 -9.02 -17.64
FE2 SF4 N . -4.97 -6.54 -17.96
FE3 SF4 N . -3.90 -8.75 -19.16
FE4 SF4 N . -3.78 -8.45 -16.47
S1 SF4 N . -2.77 -7.12 -17.99
S2 SF4 N . -4.35 -10.36 -17.61
S3 SF4 N . -5.74 -7.45 -16.00
S4 SF4 N . -5.95 -7.83 -19.61
FE1 SF4 O . -12.23 -10.32 -26.14
FE2 SF4 O . -14.11 -9.56 -24.36
FE3 SF4 O . -13.80 -12.20 -24.92
FE4 SF4 O . -14.84 -10.53 -26.81
S1 SF4 O . -15.77 -11.05 -24.79
S2 SF4 O . -13.22 -12.08 -27.15
S3 SF4 O . -13.71 -8.60 -26.39
S4 SF4 O . -12.25 -10.87 -23.89
FE1 FES P . -6.51 6.57 -17.63
FE2 FES P . -5.82 4.14 -18.55
S1 FES P . -4.63 6.00 -18.62
S2 FES P . -7.76 4.76 -17.74
O1 4WV Q . -13.25 -19.32 5.69
C1 4WV Q . -14.43 -18.43 5.66
C2 4WV Q . -12.27 -19.38 4.55
C3 4WV Q . -14.50 -19.94 0.74
C4 4WV Q . -16.68 -18.85 1.81
C5 4WV Q . -15.84 -21.06 2.18
C6 4WV Q . -14.40 -23.10 3.58
C7 4WV Q . -16.60 -21.96 4.69
O7 4WV Q . -17.57 -22.32 5.27
FE2 4WV Q . -15.11 -21.37 3.97
O5 4WV Q . -16.48 -21.90 1.64
N6 4WV Q . -13.95 -24.08 3.23
S1 4WV Q . -15.65 -19.21 4.50
S2 4WV Q . -13.15 -20.45 3.26
FE1 4WV Q . -15.00 -19.44 2.33
O3 4WV Q . -14.08 -20.12 -0.39
N4 4WV Q . -17.79 -18.47 1.52
MG MG R . -25.61 -38.93 -12.30
MG MG S . -0.73 6.47 -12.12
C1 GOL T . -12.23 -40.64 -5.60
O1 GOL T . -12.43 -39.87 -4.43
C2 GOL T . -13.51 -41.23 -6.20
O2 GOL T . -14.02 -42.24 -5.38
C3 GOL T . -14.60 -40.18 -6.39
O3 GOL T . -15.81 -40.80 -6.80
H11 GOL T . -11.75 -40.03 -6.35
H12 GOL T . -11.55 -41.47 -5.37
HO1 GOL T . -11.56 -39.59 -4.07
H2 GOL T . -13.28 -41.64 -7.18
HO2 GOL T . -14.28 -41.87 -4.52
H31 GOL T . -14.76 -39.64 -5.46
H32 GOL T . -14.28 -39.46 -7.16
HO3 GOL T . -16.38 -40.96 -6.01
#